data_8HDP
#
_entry.id   8HDP
#
loop_
_entity.id
_entity.type
_entity.pdbx_description
1 polymer 'Chimeric miniGs'
2 polymer 'Guanine nucleotide-binding protein G(I)/G(S)/G(T) subunit beta-1'
3 polymer 'Guanine nucleotide-binding protein G(I)/G(S)/G(O) subunit gamma-2'
4 polymer 'Nanobody 35'
5 polymer 'Adenosine A2b receptor'
6 non-polymer ADENOSINE
7 non-polymer CHOLESTEROL
#
loop_
_entity_poly.entity_id
_entity_poly.type
_entity_poly.pdbx_seq_one_letter_code
_entity_poly.pdbx_strand_id
1 'polypeptide(L)'
;MGCLGNSKTEDQRNEEKAQREANKMIEKQLQKDKQVYRATHRLLLLGADNSGKSTIVKQMRIYHVNSGIFETKFQVDKVN
FHMFDVGAQRDERRKWIQCFNDVTAIIFVVDSSDYNRLQEALNDFKSIWNNRWLRTISVILFLNKQDLLAEKVLAGKSKI
EDYFPEFARYTTPEDATPEPGEDPRVTRAKYFIRDEFLRISTASGDGRHYCYPHFTCSVDTENARRIFNDCRDIIQRMHL
RQYELL
;
A
2 'polypeptide(L)'
;MGSLLQSELDQLRQEAEQLKNQIRDARKACADATLSQITNNIDPVGRIQMRTRRTLRGHLAKIYAMHWGTDSRLLVSASQ
DGKLIIWDSYTTNKVHAIPLRSSWVMTCAYAPSGNYVACGGLDNICSIYNLKTREGNVRVSRELAGHTGYLSCCRFLDDN
QIVTSSGDTTCALWDIETGQQTTTFTGHTGDVMSLSLAPDTRLFVSGACDASAKLWDVREGMCRQTFTGHESDINAICFF
PNGNAFATGSDDATCRLFDLRADQELMTYSHDNIICGITSVSFSKSGRLLLAGYDDFNCNVWDALKADRAGVLAGHDNRV
SCLGVTDDGMAVATGSWDSFLKIWN
;
B
3 'polypeptide(L)' MASNNTASIAQARKLVEQLKMEANIDRIKVSKAAADLMAYCEAHAKEDPLLTPVPASENPFREKKFFCAIL G
4 'polypeptide(L)'
;QVQLQESGGGLVQPGGSLRLSCAASGFTFSNYKMNWVRQAPGKGLEWVSDISQSGASISYTGSVKGRFTISRDNAKNTLY
LQMNSLKPEDTAVYYCARCPAPFTRDCFDVTSTTYAYRGQGTQVTVSS
;
N
5 'polypeptide(L)'
;MLLETQDALYVALELVIAALSVAGNVLVCAAVGTANTLQTPTNYFLVSLAAADVAVGLFAIPFAITISLGFCTDFYGCLF
LACFVLVLTQSSIFSLLAVAVDRYLAICVPLRYKSLVTGTRARGVIAVLWVLAFGIGLTPFLGWNSKDSATNNCTEPWDG
TTNESCCLVKCLFENVVPMSYMVYFNFFGCVLPPLLIMLVIYIKIFLVACRQLQRTELMDHSRTTLQREIHAAKSLAMIV
GIFALCWLPVHAVNCVTLFQPAQGKNKPKWAMNMAILLSHANSVVNPIVYAYRNRDFRYTFHKIISRYLLCQADVKSGNG
QAGVQPALGVGL
;
R
#
loop_
_chem_comp.id
_chem_comp.type
_chem_comp.name
_chem_comp.formula
ADN non-polymer ADENOSINE 'C10 H13 N5 O4'
CLR non-polymer CHOLESTEROL 'C27 H46 O'
#
# COMPACT_ATOMS: atom_id res chain seq x y z
N THR A 9 -8.01 12.07 44.39
CA THR A 9 -8.12 12.39 42.94
C THR A 9 -6.76 12.83 42.38
N GLU A 10 -5.97 13.51 43.21
CA GLU A 10 -4.64 13.94 42.79
C GLU A 10 -3.76 12.75 42.42
N ASP A 11 -3.93 11.63 43.13
CA ASP A 11 -3.12 10.45 42.85
C ASP A 11 -3.22 10.00 41.40
N GLN A 12 -4.32 10.33 40.72
CA GLN A 12 -4.47 10.03 39.31
C GLN A 12 -4.27 11.25 38.41
N ARG A 13 -4.54 12.45 38.91
CA ARG A 13 -4.32 13.65 38.11
C ARG A 13 -2.83 13.87 37.85
N ASN A 14 -1.98 13.62 38.86
CA ASN A 14 -0.54 13.75 38.65
C ASN A 14 -0.06 12.74 37.61
N GLU A 15 -0.58 11.51 37.65
CA GLU A 15 -0.22 10.52 36.65
C GLU A 15 -0.69 10.93 35.27
N GLU A 16 -1.89 11.49 35.17
CA GLU A 16 -2.38 11.97 33.88
C GLU A 16 -1.49 13.08 33.34
N LYS A 17 -1.06 14.00 34.20
CA LYS A 17 -0.19 15.08 33.75
C LYS A 17 1.17 14.55 33.31
N ALA A 18 1.71 13.58 34.05
CA ALA A 18 2.98 12.98 33.65
C ALA A 18 2.86 12.28 32.31
N GLN A 19 1.76 11.55 32.11
CA GLN A 19 1.56 10.87 30.83
C GLN A 19 1.35 11.88 29.71
N ARG A 20 0.71 13.00 29.98
CA ARG A 20 0.55 14.03 28.96
C ARG A 20 1.90 14.63 28.57
N GLU A 21 2.75 14.91 29.55
CA GLU A 21 4.09 15.42 29.24
C GLU A 21 4.89 14.39 28.45
N ALA A 22 4.79 13.11 28.84
CA ALA A 22 5.49 12.07 28.11
C ALA A 22 5.00 11.98 26.67
N ASN A 23 3.68 12.06 26.46
CA ASN A 23 3.14 12.01 25.11
C ASN A 23 3.58 13.22 24.31
N LYS A 24 3.65 14.39 24.94
CA LYS A 24 4.09 15.58 24.23
C LYS A 24 5.53 15.44 23.77
N MET A 25 6.42 15.00 24.65
CA MET A 25 7.82 14.84 24.26
C MET A 25 7.98 13.73 23.22
N ILE A 26 7.18 12.66 23.32
CA ILE A 26 7.26 11.59 22.34
C ILE A 26 6.77 12.07 20.98
N GLU A 27 5.73 12.90 20.96
CA GLU A 27 5.27 13.47 19.69
C GLU A 27 6.30 14.41 19.11
N LYS A 28 6.99 15.18 19.97
CA LYS A 28 8.06 16.05 19.49
C LYS A 28 9.16 15.21 18.83
N GLN A 29 9.57 14.12 19.48
CA GLN A 29 10.60 13.27 18.90
C GLN A 29 10.10 12.62 17.61
N LEU A 30 8.83 12.22 17.57
CA LEU A 30 8.28 11.62 16.36
C LEU A 30 8.26 12.61 15.21
N GLN A 31 7.98 13.88 15.49
CA GLN A 31 8.04 14.89 14.44
C GLN A 31 9.48 15.15 14.00
N LYS A 32 10.41 15.17 14.95
CA LYS A 32 11.82 15.32 14.60
C LYS A 32 12.27 14.20 13.66
N ASP A 33 11.78 12.98 13.91
CA ASP A 33 12.14 11.85 13.05
C ASP A 33 11.40 11.91 11.72
N LYS A 34 10.13 12.32 11.73
CA LYS A 34 9.35 12.45 10.51
C LYS A 34 9.97 13.48 9.57
N GLN A 35 10.60 14.51 10.12
CA GLN A 35 11.30 15.48 9.28
C GLN A 35 12.30 14.78 8.37
N VAL A 36 13.25 14.07 8.97
CA VAL A 36 14.27 13.39 8.17
C VAL A 36 13.66 12.29 7.33
N TYR A 37 12.60 11.63 7.82
CA TYR A 37 11.97 10.56 7.05
C TYR A 37 11.40 11.11 5.75
N ARG A 38 10.48 12.08 5.84
CA ARG A 38 9.92 12.69 4.65
C ARG A 38 11.00 13.34 3.79
N ALA A 39 12.08 13.80 4.41
CA ALA A 39 13.17 14.41 3.65
C ALA A 39 13.97 13.39 2.85
N THR A 40 13.93 12.12 3.24
CA THR A 40 14.66 11.07 2.54
C THR A 40 13.72 10.29 1.64
N HIS A 41 14.23 9.86 0.48
CA HIS A 41 13.47 9.07 -0.48
C HIS A 41 13.95 7.63 -0.40
N ARG A 42 13.06 6.73 0.01
CA ARG A 42 13.39 5.31 0.15
C ARG A 42 13.23 4.60 -1.18
N LEU A 43 14.29 3.97 -1.65
CA LEU A 43 14.29 3.20 -2.88
C LEU A 43 14.64 1.75 -2.61
N LEU A 44 14.17 0.87 -3.47
CA LEU A 44 14.50 -0.55 -3.43
C LEU A 44 15.49 -0.89 -4.53
N LEU A 45 16.30 -1.90 -4.28
CA LEU A 45 17.28 -2.39 -5.24
C LEU A 45 17.09 -3.89 -5.42
N LEU A 46 16.83 -4.30 -6.66
CA LEU A 46 16.62 -5.69 -7.00
C LEU A 46 17.50 -6.08 -8.18
N GLY A 47 17.76 -7.37 -8.30
CA GLY A 47 18.59 -7.86 -9.38
C GLY A 47 19.14 -9.23 -9.06
N ALA A 48 19.76 -9.83 -10.08
CA ALA A 48 20.35 -11.14 -9.95
C ALA A 48 21.71 -11.07 -9.26
N ASP A 49 22.17 -12.22 -8.78
CA ASP A 49 23.46 -12.28 -8.10
C ASP A 49 24.59 -11.92 -9.05
N ASN A 50 24.53 -12.40 -10.29
CA ASN A 50 25.58 -12.10 -11.26
C ASN A 50 25.57 -10.63 -11.68
N SER A 51 24.48 -9.91 -11.43
CA SER A 51 24.41 -8.50 -11.80
C SER A 51 25.16 -7.64 -10.78
N GLY A 52 25.57 -6.46 -11.24
CA GLY A 52 26.30 -5.54 -10.39
C GLY A 52 25.40 -4.59 -9.63
N LYS A 53 24.32 -5.14 -9.05
CA LYS A 53 23.40 -4.29 -8.29
C LYS A 53 24.08 -3.66 -7.09
N SER A 54 25.04 -4.35 -6.49
CA SER A 54 25.75 -3.82 -5.33
C SER A 54 26.75 -2.73 -5.69
N THR A 55 26.86 -2.36 -6.97
CA THR A 55 27.80 -1.32 -7.40
C THR A 55 27.13 -0.34 -8.36
N ILE A 56 25.81 -0.16 -8.25
CA ILE A 56 25.11 0.79 -9.10
C ILE A 56 25.63 2.20 -8.85
N VAL A 57 25.59 2.63 -7.59
CA VAL A 57 26.07 3.96 -7.21
C VAL A 57 27.56 3.81 -6.90
N LYS A 58 28.39 3.91 -7.96
CA LYS A 58 29.82 3.78 -7.78
C LYS A 58 30.37 4.80 -6.80
N GLN A 59 29.71 5.96 -6.69
CA GLN A 59 30.13 6.95 -5.70
C GLN A 59 30.08 6.36 -4.29
N MET A 60 28.93 5.81 -3.92
CA MET A 60 28.76 5.14 -2.63
C MET A 60 29.17 6.05 -1.48
N ARG A 61 28.40 7.14 -1.34
CA ARG A 61 28.66 8.08 -0.25
C ARG A 61 28.78 7.36 1.09
N ILE A 62 27.91 6.39 1.33
CA ILE A 62 27.96 5.60 2.56
C ILE A 62 27.25 4.28 2.29
N TYR A 63 27.87 3.18 2.72
CA TYR A 63 27.34 1.84 2.51
C TYR A 63 27.14 1.20 3.87
N HIS A 64 25.89 1.05 4.28
CA HIS A 64 25.53 0.43 5.55
C HIS A 64 24.99 -0.98 5.29
N VAL A 65 25.59 -1.96 5.94
CA VAL A 65 25.20 -3.36 5.80
C VAL A 65 24.51 -3.76 7.09
N ASN A 66 23.18 -3.84 7.07
CA ASN A 66 22.42 -4.22 8.24
C ASN A 66 22.52 -5.73 8.44
N SER A 67 21.72 -6.27 9.36
CA SER A 67 21.73 -7.71 9.61
C SER A 67 21.53 -8.49 8.32
N GLY A 68 20.56 -8.08 7.50
CA GLY A 68 20.27 -8.77 6.26
C GLY A 68 19.88 -7.84 5.13
N ILE A 69 20.22 -6.55 5.26
CA ILE A 69 19.88 -5.55 4.25
C ILE A 69 21.13 -4.74 3.95
N PHE A 70 21.44 -4.59 2.66
CA PHE A 70 22.59 -3.81 2.21
C PHE A 70 22.16 -2.38 1.89
N GLU A 71 21.87 -1.63 2.96
CA GLU A 71 21.42 -0.25 2.79
C GLU A 71 22.50 0.58 2.11
N THR A 72 22.05 1.63 1.42
CA THR A 72 22.97 2.53 0.71
C THR A 72 22.36 3.91 0.67
N LYS A 73 22.84 4.81 1.53
CA LYS A 73 22.36 6.18 1.58
C LYS A 73 23.34 7.09 0.85
N PHE A 74 22.81 8.16 0.27
CA PHE A 74 23.63 9.15 -0.42
C PHE A 74 22.82 10.41 -0.62
N GLN A 75 23.45 11.44 -1.18
CA GLN A 75 22.82 12.73 -1.38
C GLN A 75 23.17 13.26 -2.76
N VAL A 76 22.16 13.75 -3.47
CA VAL A 76 22.32 14.32 -4.81
C VAL A 76 21.50 15.60 -4.86
N ASP A 77 22.15 16.72 -5.19
CA ASP A 77 21.47 18.02 -5.30
C ASP A 77 20.68 18.34 -4.04
N LYS A 78 21.31 18.11 -2.89
CA LYS A 78 20.74 18.39 -1.57
C LYS A 78 19.54 17.50 -1.25
N VAL A 79 19.27 16.48 -2.05
CA VAL A 79 18.17 15.54 -1.80
C VAL A 79 18.79 14.23 -1.33
N ASN A 80 18.28 13.72 -0.21
CA ASN A 80 18.82 12.51 0.41
C ASN A 80 18.05 11.29 -0.12
N PHE A 81 18.77 10.36 -0.74
CA PHE A 81 18.21 9.12 -1.23
C PHE A 81 18.76 7.96 -0.41
N HIS A 82 17.92 6.94 -0.21
CA HIS A 82 18.26 5.77 0.61
C HIS A 82 17.81 4.52 -0.14
N MET A 83 18.70 3.98 -0.98
CA MET A 83 18.40 2.78 -1.73
C MET A 83 18.64 1.55 -0.85
N PHE A 84 17.62 0.72 -0.70
CA PHE A 84 17.69 -0.48 0.12
C PHE A 84 17.88 -1.70 -0.78
N ASP A 85 18.90 -2.51 -0.47
CA ASP A 85 19.22 -3.71 -1.24
C ASP A 85 19.09 -4.91 -0.32
N VAL A 86 18.10 -5.77 -0.58
CA VAL A 86 17.85 -6.97 0.20
C VAL A 86 18.55 -8.13 -0.51
N GLY A 87 19.66 -8.59 0.06
CA GLY A 87 20.42 -9.68 -0.54
C GLY A 87 20.45 -10.92 0.34
N ALA A 88 20.36 -10.74 1.64
CA ALA A 88 20.40 -11.85 2.59
C ALA A 88 18.99 -12.31 2.96
N GLN A 89 18.29 -12.81 1.95
CA GLN A 89 16.95 -13.33 2.14
C GLN A 89 16.71 -14.47 1.16
N ARG A 90 15.70 -15.28 1.47
CA ARG A 90 15.38 -16.43 0.63
C ARG A 90 14.97 -15.97 -0.76
N ASP A 91 15.04 -16.89 -1.72
CA ASP A 91 14.73 -16.56 -3.10
C ASP A 91 13.26 -16.24 -3.31
N GLU A 92 12.39 -16.63 -2.37
CA GLU A 92 10.96 -16.33 -2.50
C GLU A 92 10.70 -14.86 -2.23
N ARG A 93 10.57 -14.07 -3.30
CA ARG A 93 10.37 -12.63 -3.21
C ARG A 93 8.92 -12.23 -3.43
N ARG A 94 7.97 -13.06 -2.97
CA ARG A 94 6.55 -12.76 -3.13
C ARG A 94 5.90 -12.26 -1.84
N LYS A 95 6.60 -12.31 -0.71
CA LYS A 95 6.05 -11.86 0.57
C LYS A 95 6.75 -10.63 1.11
N TRP A 96 8.07 -10.65 1.24
CA TRP A 96 8.78 -9.50 1.79
C TRP A 96 8.81 -8.32 0.82
N ILE A 97 8.70 -8.58 -0.49
CA ILE A 97 8.65 -7.49 -1.46
C ILE A 97 7.52 -6.53 -1.13
N GLN A 98 6.45 -7.04 -0.52
CA GLN A 98 5.31 -6.18 -0.18
C GLN A 98 5.74 -5.03 0.72
N CYS A 99 6.81 -5.21 1.50
CA CYS A 99 7.27 -4.15 2.38
C CYS A 99 7.75 -2.93 1.62
N PHE A 100 8.02 -3.06 0.32
CA PHE A 100 8.57 -1.98 -0.49
C PHE A 100 7.55 -1.46 -1.50
N ASN A 101 6.28 -1.37 -1.11
CA ASN A 101 5.26 -0.82 -1.99
C ASN A 101 5.14 0.69 -1.88
N ASP A 102 5.75 1.30 -0.89
CA ASP A 102 5.73 2.76 -0.71
C ASP A 102 7.06 3.41 -1.09
N VAL A 103 8.02 2.63 -1.60
CA VAL A 103 9.31 3.20 -1.96
C VAL A 103 9.15 4.20 -3.10
N THR A 104 10.12 5.10 -3.20
CA THR A 104 10.08 6.11 -4.27
C THR A 104 10.34 5.49 -5.63
N ALA A 105 11.16 4.44 -5.68
CA ALA A 105 11.48 3.78 -6.93
C ALA A 105 12.08 2.41 -6.62
N ILE A 106 12.15 1.58 -7.65
CA ILE A 106 12.70 0.23 -7.54
C ILE A 106 13.69 0.05 -8.68
N ILE A 107 14.98 0.18 -8.37
CA ILE A 107 16.04 0.00 -9.36
C ILE A 107 16.26 -1.49 -9.55
N PHE A 108 15.86 -1.99 -10.72
CA PHE A 108 16.01 -3.40 -11.06
C PHE A 108 17.15 -3.54 -12.06
N VAL A 109 18.24 -4.16 -11.63
CA VAL A 109 19.43 -4.34 -12.46
C VAL A 109 19.37 -5.73 -13.08
N VAL A 110 19.88 -5.84 -14.31
CA VAL A 110 19.86 -7.09 -15.05
C VAL A 110 21.23 -7.28 -15.71
N ASP A 111 21.85 -8.44 -15.47
CA ASP A 111 23.10 -8.80 -16.12
C ASP A 111 22.78 -9.35 -17.52
N SER A 112 22.37 -8.44 -18.40
CA SER A 112 21.95 -8.80 -19.74
C SER A 112 23.06 -9.48 -20.54
N SER A 113 24.30 -9.45 -20.06
CA SER A 113 25.37 -10.18 -20.73
C SER A 113 25.16 -11.69 -20.68
N ASP A 114 24.40 -12.18 -19.70
CA ASP A 114 24.12 -13.61 -19.56
C ASP A 114 22.76 -13.88 -20.21
N TYR A 115 22.81 -14.26 -21.49
CA TYR A 115 21.58 -14.46 -22.25
C TYR A 115 20.72 -15.56 -21.63
N ASN A 116 21.34 -16.67 -21.22
CA ASN A 116 20.56 -17.76 -20.62
C ASN A 116 19.85 -17.28 -19.36
N ARG A 117 20.44 -16.33 -18.64
CA ARG A 117 19.81 -15.76 -17.45
C ARG A 117 19.00 -14.51 -17.76
N LEU A 118 19.14 -13.95 -18.97
CA LEU A 118 18.31 -12.81 -19.35
C LEU A 118 16.84 -13.19 -19.37
N GLN A 119 16.52 -14.44 -19.68
CA GLN A 119 15.12 -14.87 -19.65
C GLN A 119 14.57 -14.83 -18.23
N GLU A 120 15.33 -15.34 -17.26
CA GLU A 120 14.91 -15.26 -15.87
C GLU A 120 14.80 -13.81 -15.41
N ALA A 121 15.74 -12.97 -15.86
CA ALA A 121 15.67 -11.55 -15.52
C ALA A 121 14.39 -10.91 -16.05
N LEU A 122 14.03 -11.23 -17.29
CA LEU A 122 12.80 -10.70 -17.87
C LEU A 122 11.58 -11.22 -17.13
N ASN A 123 11.59 -12.50 -16.73
CA ASN A 123 10.46 -13.03 -15.97
C ASN A 123 10.31 -12.34 -14.64
N ASP A 124 11.43 -12.08 -13.94
CA ASP A 124 11.38 -11.37 -12.68
C ASP A 124 10.88 -9.94 -12.87
N PHE A 125 11.37 -9.27 -13.93
CA PHE A 125 10.91 -7.91 -14.21
C PHE A 125 9.42 -7.89 -14.48
N LYS A 126 8.90 -8.89 -15.19
CA LYS A 126 7.47 -8.97 -15.44
C LYS A 126 6.70 -9.19 -14.16
N SER A 127 7.13 -10.16 -13.34
CA SER A 127 6.45 -10.42 -12.08
C SER A 127 6.43 -9.19 -11.18
N ILE A 128 7.49 -8.39 -11.22
CA ILE A 128 7.54 -7.18 -10.41
C ILE A 128 6.62 -6.11 -10.98
N TRP A 129 6.67 -5.90 -12.29
CA TRP A 129 5.84 -4.87 -12.91
C TRP A 129 4.35 -5.20 -12.78
N ASN A 130 4.00 -6.47 -12.84
CA ASN A 130 2.61 -6.90 -12.75
C ASN A 130 2.15 -7.12 -11.31
N ASN A 131 3.01 -6.86 -10.32
CA ASN A 131 2.63 -7.08 -8.94
C ASN A 131 1.51 -6.13 -8.53
N ARG A 132 0.54 -6.67 -7.78
CA ARG A 132 -0.59 -5.86 -7.35
C ARG A 132 -0.17 -4.77 -6.37
N TRP A 133 0.89 -5.01 -5.60
CA TRP A 133 1.31 -4.05 -4.59
C TRP A 133 2.32 -3.04 -5.12
N LEU A 134 3.17 -3.45 -6.06
CA LEU A 134 4.10 -2.55 -6.72
C LEU A 134 3.51 -1.96 -8.01
N ARG A 135 2.19 -2.02 -8.17
CA ARG A 135 1.55 -1.53 -9.39
C ARG A 135 1.62 -0.02 -9.51
N THR A 136 1.86 0.69 -8.40
CA THR A 136 1.93 2.15 -8.40
C THR A 136 3.35 2.67 -8.20
N ILE A 137 4.36 1.80 -8.31
CA ILE A 137 5.74 2.18 -8.10
C ILE A 137 6.50 1.98 -9.41
N SER A 138 7.14 3.04 -9.89
CA SER A 138 7.91 2.96 -11.11
C SER A 138 9.12 2.04 -10.92
N VAL A 139 9.71 1.64 -12.04
CA VAL A 139 10.86 0.75 -12.07
C VAL A 139 11.97 1.41 -12.87
N ILE A 140 13.14 1.54 -12.28
CA ILE A 140 14.30 2.15 -12.92
C ILE A 140 15.20 1.01 -13.38
N LEU A 141 15.12 0.69 -14.67
CA LEU A 141 15.90 -0.41 -15.24
C LEU A 141 17.31 0.08 -15.55
N PHE A 142 18.30 -0.46 -14.83
CA PHE A 142 19.71 -0.16 -15.05
C PHE A 142 20.35 -1.39 -15.69
N LEU A 143 20.48 -1.37 -17.01
CA LEU A 143 21.09 -2.48 -17.75
C LEU A 143 22.60 -2.41 -17.60
N ASN A 144 23.07 -2.86 -16.44
CA ASN A 144 24.49 -2.84 -16.14
C ASN A 144 25.25 -3.83 -17.03
N LYS A 145 26.57 -3.71 -17.02
CA LYS A 145 27.46 -4.60 -17.75
C LYS A 145 27.34 -4.42 -19.26
N GLN A 146 27.09 -3.19 -19.72
CA GLN A 146 26.96 -2.94 -21.15
C GLN A 146 28.26 -3.29 -21.88
N ASP A 147 29.40 -3.09 -21.22
CA ASP A 147 30.67 -3.49 -21.82
C ASP A 147 30.72 -5.00 -22.07
N LEU A 148 30.18 -5.78 -21.14
CA LEU A 148 30.12 -7.22 -21.35
C LEU A 148 29.25 -7.57 -22.54
N LEU A 149 28.10 -6.88 -22.69
CA LEU A 149 27.26 -7.12 -23.86
C LEU A 149 28.00 -6.78 -25.14
N ALA A 150 28.71 -5.65 -25.16
CA ALA A 150 29.45 -5.26 -26.35
C ALA A 150 30.50 -6.31 -26.71
N GLU A 151 31.27 -6.75 -25.71
CA GLU A 151 32.30 -7.75 -25.96
C GLU A 151 31.69 -9.05 -26.45
N LYS A 152 30.58 -9.47 -25.86
CA LYS A 152 29.97 -10.75 -26.22
C LYS A 152 29.38 -10.71 -27.62
N VAL A 153 28.82 -9.56 -28.02
CA VAL A 153 28.23 -9.47 -29.35
C VAL A 153 29.31 -9.25 -30.41
N LEU A 154 30.43 -8.63 -30.05
CA LEU A 154 31.51 -8.46 -31.01
C LEU A 154 32.35 -9.72 -31.17
N ALA A 155 32.42 -10.56 -30.14
CA ALA A 155 33.18 -11.80 -30.25
C ALA A 155 32.46 -12.82 -31.14
N GLY A 156 31.13 -12.73 -31.24
CA GLY A 156 30.39 -13.66 -32.06
C GLY A 156 30.31 -15.08 -31.55
N LYS A 157 30.75 -15.32 -30.31
CA LYS A 157 30.72 -16.69 -29.79
C LYS A 157 29.32 -17.13 -29.43
N SER A 158 28.45 -16.18 -29.07
CA SER A 158 27.07 -16.49 -28.68
C SER A 158 26.12 -15.67 -29.53
N LYS A 159 25.16 -16.34 -30.15
CA LYS A 159 24.15 -15.70 -30.97
C LYS A 159 22.88 -15.49 -30.15
N ILE A 160 22.39 -14.25 -30.10
CA ILE A 160 21.19 -13.95 -29.36
C ILE A 160 19.96 -14.65 -29.94
N GLU A 161 20.06 -15.09 -31.19
CA GLU A 161 18.91 -15.76 -31.82
C GLU A 161 18.56 -17.06 -31.10
N ASP A 162 19.56 -17.77 -30.57
CA ASP A 162 19.29 -19.01 -29.87
C ASP A 162 18.42 -18.78 -28.65
N TYR A 163 18.63 -17.67 -27.95
CA TYR A 163 17.85 -17.31 -26.78
C TYR A 163 16.67 -16.41 -27.09
N PHE A 164 16.77 -15.59 -28.14
CA PHE A 164 15.70 -14.67 -28.52
C PHE A 164 15.69 -14.56 -30.03
N PRO A 165 14.99 -15.47 -30.72
CA PRO A 165 15.00 -15.43 -32.19
C PRO A 165 14.43 -14.14 -32.78
N GLU A 166 13.61 -13.41 -32.02
CA GLU A 166 13.08 -12.15 -32.53
C GLU A 166 14.19 -11.17 -32.89
N PHE A 167 15.36 -11.32 -32.27
CA PHE A 167 16.49 -10.44 -32.59
C PHE A 167 16.90 -10.59 -34.05
N ALA A 168 16.62 -11.74 -34.67
CA ALA A 168 16.99 -11.93 -36.07
C ALA A 168 16.18 -11.02 -36.98
N ARG A 169 14.88 -10.86 -36.69
CA ARG A 169 13.98 -10.06 -37.51
C ARG A 169 13.69 -8.70 -36.90
N TYR A 170 14.50 -8.25 -35.94
CA TYR A 170 14.29 -6.99 -35.25
C TYR A 170 15.16 -5.90 -35.86
N THR A 171 14.68 -4.66 -35.77
CA THR A 171 15.37 -3.49 -36.29
C THR A 171 15.49 -2.46 -35.19
N THR A 172 16.63 -1.76 -35.16
CA THR A 172 16.86 -0.76 -34.13
C THR A 172 15.88 0.40 -34.31
N PRO A 173 15.30 0.92 -33.22
CA PRO A 173 14.40 2.07 -33.35
C PRO A 173 15.11 3.28 -33.92
N GLU A 174 14.31 4.29 -34.28
CA GLU A 174 14.87 5.53 -34.82
C GLU A 174 15.23 6.52 -33.72
N ASP A 175 14.56 6.45 -32.57
CA ASP A 175 14.83 7.34 -31.46
C ASP A 175 16.03 6.90 -30.61
N ALA A 176 16.84 5.98 -31.12
CA ALA A 176 17.99 5.50 -30.37
C ALA A 176 19.02 6.62 -30.20
N THR A 177 19.90 6.44 -29.21
CA THR A 177 20.98 7.37 -28.91
C THR A 177 22.31 6.66 -29.08
N PRO A 178 22.70 6.35 -30.33
CA PRO A 178 23.94 5.60 -30.54
C PRO A 178 25.16 6.36 -30.05
N GLU A 179 26.06 5.64 -29.39
CA GLU A 179 27.29 6.23 -28.88
C GLU A 179 28.32 6.38 -30.00
N PRO A 180 29.25 7.31 -29.86
CA PRO A 180 30.26 7.50 -30.92
C PRO A 180 31.22 6.33 -30.99
N GLY A 181 31.44 5.84 -32.21
CA GLY A 181 32.36 4.74 -32.42
C GLY A 181 31.83 3.38 -32.03
N GLU A 182 30.54 3.28 -31.71
CA GLU A 182 29.96 2.01 -31.30
C GLU A 182 29.55 1.18 -32.51
N ASP A 183 29.76 -0.12 -32.43
CA ASP A 183 29.44 -1.00 -33.55
C ASP A 183 27.93 -1.08 -33.75
N PRO A 184 27.45 -1.09 -35.00
CA PRO A 184 26.00 -1.21 -35.21
C PRO A 184 25.38 -2.43 -34.53
N ARG A 185 26.07 -3.56 -34.51
CA ARG A 185 25.53 -4.75 -33.87
C ARG A 185 25.37 -4.55 -32.37
N VAL A 186 26.35 -3.90 -31.73
CA VAL A 186 26.27 -3.65 -30.30
C VAL A 186 25.04 -2.81 -29.97
N THR A 187 24.86 -1.70 -30.69
CA THR A 187 23.70 -0.86 -30.47
C THR A 187 22.41 -1.61 -30.76
N ARG A 188 22.38 -2.39 -31.84
CA ARG A 188 21.17 -3.14 -32.17
C ARG A 188 20.78 -4.07 -31.04
N ALA A 189 21.74 -4.85 -30.52
CA ALA A 189 21.44 -5.78 -29.44
C ALA A 189 21.02 -5.05 -28.17
N LYS A 190 21.73 -3.96 -27.83
CA LYS A 190 21.41 -3.21 -26.62
C LYS A 190 19.99 -2.66 -26.68
N TYR A 191 19.63 -2.02 -27.80
CA TYR A 191 18.30 -1.44 -27.90
C TYR A 191 17.23 -2.51 -28.09
N PHE A 192 17.60 -3.68 -28.63
CA PHE A 192 16.66 -4.79 -28.68
C PHE A 192 16.32 -5.27 -27.27
N ILE A 193 17.34 -5.42 -26.41
CA ILE A 193 17.08 -5.82 -25.03
C ILE A 193 16.26 -4.74 -24.32
N ARG A 194 16.60 -3.46 -24.55
CA ARG A 194 15.87 -2.38 -23.91
C ARG A 194 14.41 -2.39 -24.34
N ASP A 195 14.14 -2.65 -25.62
CA ASP A 195 12.76 -2.68 -26.10
C ASP A 195 12.03 -3.92 -25.62
N GLU A 196 12.74 -5.04 -25.46
CA GLU A 196 12.13 -6.20 -24.85
C GLU A 196 11.65 -5.88 -23.43
N PHE A 197 12.50 -5.21 -22.65
CA PHE A 197 12.09 -4.81 -21.31
C PHE A 197 10.94 -3.82 -21.35
N LEU A 198 10.99 -2.87 -22.29
CA LEU A 198 9.93 -1.88 -22.41
C LEU A 198 8.60 -2.53 -22.77
N ARG A 199 8.63 -3.57 -23.60
CA ARG A 199 7.40 -4.29 -23.94
C ARG A 199 6.90 -5.11 -22.77
N ILE A 200 7.82 -5.79 -22.06
CA ILE A 200 7.42 -6.52 -20.85
C ILE A 200 6.75 -5.57 -19.87
N SER A 201 7.21 -4.32 -19.81
CA SER A 201 6.57 -3.33 -18.94
C SER A 201 5.27 -2.80 -19.51
N THR A 202 5.16 -2.73 -20.84
CA THR A 202 3.98 -2.15 -21.46
C THR A 202 2.85 -3.16 -21.60
N ALA A 203 3.15 -4.46 -21.54
CA ALA A 203 2.11 -5.46 -21.63
C ALA A 203 1.00 -5.22 -20.61
N SER A 204 1.36 -4.70 -19.43
CA SER A 204 0.40 -4.34 -18.40
C SER A 204 0.67 -2.91 -17.90
N GLY A 205 1.12 -2.04 -18.78
CA GLY A 205 1.45 -0.69 -18.39
C GLY A 205 0.23 0.17 -18.14
N ASP A 206 0.45 1.30 -17.48
CA ASP A 206 -0.60 2.23 -17.13
C ASP A 206 0.04 3.49 -16.57
N GLY A 207 -0.75 4.55 -16.47
CA GLY A 207 -0.27 5.81 -15.92
C GLY A 207 0.11 5.77 -14.46
N ARG A 208 -0.08 4.63 -13.77
CA ARG A 208 0.26 4.55 -12.36
C ARG A 208 1.77 4.48 -12.17
N HIS A 209 2.46 3.67 -12.97
CA HIS A 209 3.90 3.48 -12.85
C HIS A 209 4.51 3.38 -14.24
N TYR A 210 5.71 3.93 -14.40
CA TYR A 210 6.41 3.94 -15.67
C TYR A 210 7.79 3.30 -15.51
N CYS A 211 8.44 3.05 -16.64
CA CYS A 211 9.77 2.48 -16.69
C CYS A 211 10.77 3.51 -17.17
N TYR A 212 12.00 3.42 -16.66
CA TYR A 212 13.07 4.35 -16.98
C TYR A 212 14.34 3.56 -17.27
N PRO A 213 14.50 3.05 -18.50
CA PRO A 213 15.71 2.31 -18.82
C PRO A 213 16.92 3.21 -18.90
N HIS A 214 18.09 2.66 -18.57
CA HIS A 214 19.35 3.38 -18.61
C HIS A 214 20.47 2.40 -18.88
N PHE A 215 21.42 2.79 -19.73
CA PHE A 215 22.55 1.95 -20.10
C PHE A 215 23.77 2.43 -19.33
N THR A 216 24.29 1.57 -18.44
CA THR A 216 25.43 1.90 -17.61
C THR A 216 26.41 0.74 -17.59
N CYS A 217 27.68 1.07 -17.41
CA CYS A 217 28.75 0.08 -17.34
C CYS A 217 29.11 -0.20 -15.88
N SER A 218 29.91 -1.25 -15.68
CA SER A 218 30.34 -1.62 -14.33
C SER A 218 31.30 -0.59 -13.73
N VAL A 219 31.93 0.24 -14.57
CA VAL A 219 32.87 1.25 -14.09
C VAL A 219 32.26 2.66 -14.14
N ASP A 220 31.00 2.78 -14.50
CA ASP A 220 30.38 4.09 -14.58
C ASP A 220 30.29 4.74 -13.20
N THR A 221 30.16 6.06 -13.19
CA THR A 221 30.08 6.82 -11.94
C THR A 221 28.94 7.83 -11.90
N GLU A 222 28.37 8.21 -13.04
CA GLU A 222 27.28 9.18 -13.06
C GLU A 222 25.91 8.56 -12.76
N ASN A 223 25.88 7.32 -12.23
CA ASN A 223 24.61 6.69 -11.91
C ASN A 223 23.83 7.49 -10.88
N ALA A 224 24.53 8.25 -10.02
CA ALA A 224 23.85 9.05 -9.02
C ALA A 224 22.95 10.09 -9.66
N ARG A 225 23.47 10.82 -10.65
CA ARG A 225 22.66 11.83 -11.34
C ARG A 225 21.52 11.18 -12.11
N ARG A 226 21.75 10.00 -12.68
CA ARG A 226 20.68 9.31 -13.39
C ARG A 226 19.55 8.91 -12.46
N ILE A 227 19.89 8.36 -11.28
CA ILE A 227 18.86 7.99 -10.32
C ILE A 227 18.15 9.24 -9.81
N PHE A 228 18.89 10.34 -9.63
CA PHE A 228 18.27 11.59 -9.22
C PHE A 228 17.22 12.03 -10.24
N ASN A 229 17.60 12.07 -11.53
CA ASN A 229 16.66 12.47 -12.57
C ASN A 229 15.48 11.52 -12.65
N ASP A 230 15.73 10.22 -12.47
CA ASP A 230 14.66 9.24 -12.55
C ASP A 230 13.64 9.46 -11.43
N CYS A 231 14.13 9.63 -10.20
CA CYS A 231 13.22 9.88 -9.08
C CYS A 231 12.47 11.19 -9.28
N ARG A 232 13.16 12.23 -9.76
CA ARG A 232 12.51 13.50 -10.01
C ARG A 232 11.36 13.34 -11.00
N ASP A 233 11.63 12.67 -12.12
CA ASP A 233 10.60 12.46 -13.13
C ASP A 233 9.46 11.62 -12.59
N ILE A 234 9.78 10.60 -11.79
CA ILE A 234 8.73 9.74 -11.24
C ILE A 234 7.79 10.54 -10.35
N ILE A 235 8.36 11.27 -9.40
CA ILE A 235 7.52 12.04 -8.48
C ILE A 235 6.80 13.15 -9.21
N GLN A 236 7.40 13.72 -10.26
CA GLN A 236 6.74 14.76 -11.03
C GLN A 236 5.52 14.20 -11.76
N ARG A 237 5.68 13.05 -12.42
CA ARG A 237 4.54 12.43 -13.08
C ARG A 237 3.47 12.04 -12.07
N MET A 238 3.87 11.59 -10.89
CA MET A 238 2.90 11.24 -9.86
C MET A 238 2.08 12.46 -9.43
N HIS A 239 2.76 13.58 -9.18
CA HIS A 239 2.07 14.80 -8.80
C HIS A 239 1.18 15.31 -9.93
N LEU A 240 1.64 15.20 -11.17
CA LEU A 240 0.82 15.62 -12.31
C LEU A 240 -0.44 14.79 -12.41
N ARG A 241 -0.31 13.47 -12.25
CA ARG A 241 -1.49 12.61 -12.24
C ARG A 241 -2.42 13.00 -11.09
N GLN A 242 -1.86 13.25 -9.91
CA GLN A 242 -2.68 13.71 -8.79
C GLN A 242 -3.43 14.98 -9.14
N TYR A 243 -2.83 15.84 -9.96
CA TYR A 243 -3.48 17.07 -10.43
C TYR A 243 -4.20 16.88 -11.76
N GLU A 244 -4.25 15.64 -12.28
CA GLU A 244 -4.95 15.35 -13.53
C GLU A 244 -4.34 16.12 -14.70
N LEU A 245 -3.01 16.17 -14.74
CA LEU A 245 -2.27 16.84 -15.81
C LEU A 245 -1.52 15.86 -16.69
N LEU A 246 -1.92 14.58 -16.70
CA LEU A 246 -1.25 13.57 -17.49
C LEU A 246 -2.21 12.45 -17.85
N GLU B 8 14.35 -45.48 -6.47
CA GLU B 8 13.79 -46.02 -5.19
C GLU B 8 12.85 -45.02 -4.54
N LEU B 9 13.03 -43.74 -4.88
CA LEU B 9 12.16 -42.70 -4.33
C LEU B 9 10.70 -42.91 -4.71
N ASP B 10 10.44 -43.66 -5.79
CA ASP B 10 9.06 -43.94 -6.17
C ASP B 10 8.34 -44.69 -5.07
N GLN B 11 9.03 -45.58 -4.36
CA GLN B 11 8.41 -46.30 -3.25
C GLN B 11 7.99 -45.34 -2.15
N LEU B 12 8.87 -44.40 -1.78
CA LEU B 12 8.52 -43.43 -0.75
C LEU B 12 7.37 -42.53 -1.20
N ARG B 13 7.36 -42.13 -2.47
CA ARG B 13 6.27 -41.31 -2.98
C ARG B 13 4.95 -42.06 -2.93
N GLN B 14 4.96 -43.33 -3.32
CA GLN B 14 3.74 -44.13 -3.26
C GLN B 14 3.28 -44.33 -1.82
N GLU B 15 4.22 -44.53 -0.90
CA GLU B 15 3.86 -44.68 0.50
C GLU B 15 3.21 -43.41 1.04
N ALA B 16 3.79 -42.25 0.73
CA ALA B 16 3.21 -40.98 1.17
C ALA B 16 1.84 -40.77 0.54
N GLU B 17 1.68 -41.14 -0.72
CA GLU B 17 0.38 -41.01 -1.39
C GLU B 17 -0.67 -41.87 -0.71
N GLN B 18 -0.32 -43.12 -0.39
CA GLN B 18 -1.27 -44.00 0.29
C GLN B 18 -1.59 -43.47 1.68
N LEU B 19 -0.59 -42.95 2.40
CA LEU B 19 -0.84 -42.37 3.71
C LEU B 19 -1.82 -41.22 3.62
N LYS B 20 -1.60 -40.29 2.68
CA LYS B 20 -2.51 -39.17 2.54
C LYS B 20 -3.89 -39.62 2.08
N ASN B 21 -3.96 -40.66 1.26
CA ASN B 21 -5.26 -41.18 0.83
C ASN B 21 -6.05 -41.73 2.00
N GLN B 22 -5.41 -42.53 2.85
CA GLN B 22 -6.11 -43.04 4.03
C GLN B 22 -6.45 -41.90 4.99
N ILE B 23 -5.60 -40.87 5.07
CA ILE B 23 -5.90 -39.73 5.93
C ILE B 23 -7.18 -39.04 5.46
N ARG B 24 -7.25 -38.71 4.17
CA ARG B 24 -8.44 -38.03 3.66
C ARG B 24 -9.67 -38.94 3.71
N ASP B 25 -9.47 -40.26 3.58
CA ASP B 25 -10.60 -41.18 3.71
C ASP B 25 -11.15 -41.16 5.13
N ALA B 26 -10.27 -41.22 6.13
CA ALA B 26 -10.71 -41.11 7.52
C ALA B 26 -11.36 -39.77 7.78
N ARG B 27 -10.85 -38.70 7.17
CA ARG B 27 -11.46 -37.38 7.34
C ARG B 27 -12.89 -37.38 6.81
N LYS B 28 -13.08 -37.85 5.59
CA LYS B 28 -14.43 -37.90 5.03
C LYS B 28 -15.34 -38.81 5.84
N ALA B 29 -14.79 -39.90 6.38
CA ALA B 29 -15.59 -40.79 7.22
C ALA B 29 -16.06 -40.08 8.48
N CYS B 30 -15.15 -39.38 9.17
CA CYS B 30 -15.55 -38.61 10.34
C CYS B 30 -16.43 -37.43 9.98
N ALA B 31 -16.51 -37.07 8.69
CA ALA B 31 -17.33 -35.95 8.24
C ALA B 31 -18.77 -36.43 8.05
N ASP B 32 -19.36 -36.89 9.15
CA ASP B 32 -20.75 -37.34 9.11
C ASP B 32 -21.71 -36.18 8.95
N ALA B 33 -21.36 -35.00 9.44
CA ALA B 33 -22.17 -33.80 9.31
C ALA B 33 -21.27 -32.63 8.99
N THR B 34 -21.86 -31.43 8.95
CA THR B 34 -21.14 -30.20 8.67
C THR B 34 -21.68 -29.09 9.55
N LEU B 35 -20.77 -28.25 10.06
CA LEU B 35 -21.18 -27.15 10.92
C LEU B 35 -22.13 -26.19 10.22
N SER B 36 -22.12 -26.16 8.88
CA SER B 36 -22.99 -25.25 8.16
C SER B 36 -24.45 -25.61 8.36
N GLN B 37 -24.79 -26.90 8.22
CA GLN B 37 -26.17 -27.33 8.36
C GLN B 37 -26.58 -27.49 9.82
N ILE B 38 -25.63 -27.85 10.69
CA ILE B 38 -25.95 -28.02 12.10
C ILE B 38 -26.29 -26.70 12.78
N THR B 39 -25.87 -25.59 12.20
CA THR B 39 -26.04 -24.27 12.80
C THR B 39 -27.24 -23.52 12.24
N ASN B 40 -28.21 -24.22 11.65
CA ASN B 40 -29.40 -23.58 11.12
C ASN B 40 -30.44 -23.29 12.20
N ASN B 41 -30.29 -23.86 13.40
CA ASN B 41 -31.26 -23.64 14.47
C ASN B 41 -30.95 -22.42 15.31
N ILE B 42 -29.66 -22.08 15.48
CA ILE B 42 -29.30 -20.93 16.30
C ILE B 42 -29.79 -19.64 15.64
N ASP B 43 -29.88 -18.60 16.47
CA ASP B 43 -30.35 -17.29 16.01
C ASP B 43 -29.18 -16.50 15.41
N PRO B 44 -29.35 -15.87 14.25
CA PRO B 44 -28.24 -15.10 13.67
C PRO B 44 -27.83 -13.93 14.54
N VAL B 45 -26.61 -13.45 14.31
CA VAL B 45 -26.10 -12.33 15.09
C VAL B 45 -26.64 -11.00 14.58
N GLY B 46 -27.00 -10.93 13.29
CA GLY B 46 -27.52 -9.70 12.73
C GLY B 46 -26.41 -8.72 12.38
N ARG B 47 -26.85 -7.54 11.96
CA ARG B 47 -25.91 -6.49 11.57
C ARG B 47 -25.09 -6.03 12.77
N ILE B 48 -23.78 -5.91 12.58
CA ILE B 48 -22.85 -5.52 13.63
C ILE B 48 -22.42 -4.09 13.34
N GLN B 49 -22.97 -3.13 14.09
CA GLN B 49 -22.64 -1.72 13.94
C GLN B 49 -21.43 -1.41 14.82
N MET B 50 -20.28 -1.19 14.19
CA MET B 50 -19.04 -0.84 14.88
C MET B 50 -18.54 0.49 14.34
N ARG B 51 -18.42 1.47 15.22
CA ARG B 51 -17.93 2.79 14.87
C ARG B 51 -16.56 3.03 15.52
N THR B 52 -15.78 3.91 14.91
CA THR B 52 -14.43 4.22 15.39
C THR B 52 -14.56 5.06 16.67
N ARG B 53 -14.32 4.43 17.82
CA ARG B 53 -14.36 5.17 19.07
C ARG B 53 -13.19 6.13 19.18
N ARG B 54 -12.00 5.70 18.75
CA ARG B 54 -10.82 6.54 18.76
C ARG B 54 -9.90 6.12 17.63
N THR B 55 -9.12 7.08 17.13
CA THR B 55 -8.15 6.85 16.07
C THR B 55 -6.75 7.14 16.60
N LEU B 56 -5.85 6.18 16.42
CA LEU B 56 -4.50 6.28 16.97
C LEU B 56 -3.58 6.95 15.94
N ARG B 57 -3.80 8.25 15.76
CA ARG B 57 -2.96 9.02 14.86
C ARG B 57 -1.58 9.26 15.48
N GLY B 58 -0.58 9.36 14.61
CA GLY B 58 0.79 9.58 15.05
C GLY B 58 1.81 8.77 14.26
N HIS B 59 1.39 7.61 13.77
CA HIS B 59 2.29 6.78 12.98
C HIS B 59 2.55 7.42 11.62
N LEU B 60 3.79 7.24 11.13
CA LEU B 60 4.21 7.80 9.86
C LEU B 60 4.07 6.79 8.71
N ALA B 61 4.77 5.66 8.82
CA ALA B 61 4.80 4.67 7.75
C ALA B 61 3.67 3.66 7.93
N LYS B 62 3.51 2.80 6.94
CA LYS B 62 2.44 1.81 6.96
C LYS B 62 2.64 0.84 8.13
N ILE B 63 1.63 0.76 9.00
CA ILE B 63 1.67 -0.17 10.12
C ILE B 63 1.63 -1.60 9.56
N TYR B 64 2.56 -2.43 10.03
CA TYR B 64 2.69 -3.79 9.54
C TYR B 64 2.19 -4.84 10.51
N ALA B 65 1.87 -4.47 11.75
CA ALA B 65 1.40 -5.43 12.74
C ALA B 65 0.94 -4.68 13.98
N MET B 66 0.20 -5.39 14.83
CA MET B 66 -0.27 -4.86 16.10
C MET B 66 -0.71 -6.03 16.95
N HIS B 67 -0.74 -5.82 18.27
CA HIS B 67 -1.11 -6.88 19.20
C HIS B 67 -1.56 -6.26 20.51
N TRP B 68 -2.74 -6.65 20.97
CA TRP B 68 -3.26 -6.17 22.25
C TRP B 68 -2.48 -6.79 23.41
N GLY B 69 -2.76 -6.30 24.61
CA GLY B 69 -2.15 -6.82 25.82
C GLY B 69 -3.17 -7.42 26.77
N THR B 70 -2.71 -8.24 27.71
CA THR B 70 -3.62 -8.86 28.65
C THR B 70 -4.39 -7.82 29.46
N ASP B 71 -3.81 -6.63 29.65
CA ASP B 71 -4.49 -5.57 30.38
C ASP B 71 -5.66 -4.98 29.60
N SER B 72 -5.78 -5.28 28.31
CA SER B 72 -6.88 -4.79 27.48
C SER B 72 -6.90 -3.28 27.36
N ARG B 73 -5.81 -2.61 27.72
CA ARG B 73 -5.71 -1.16 27.64
C ARG B 73 -4.58 -0.69 26.75
N LEU B 74 -3.40 -1.30 26.83
CA LEU B 74 -2.25 -0.94 26.02
C LEU B 74 -2.10 -1.90 24.85
N LEU B 75 -1.69 -1.37 23.71
CA LEU B 75 -1.46 -2.16 22.52
C LEU B 75 -0.18 -1.72 21.84
N VAL B 76 0.37 -2.60 21.01
CA VAL B 76 1.60 -2.33 20.27
C VAL B 76 1.26 -2.11 18.80
N SER B 77 2.04 -1.25 18.15
CA SER B 77 1.86 -0.99 16.72
C SER B 77 3.21 -0.66 16.11
N ALA B 78 3.68 -1.51 15.20
CA ALA B 78 4.97 -1.34 14.54
C ALA B 78 4.76 -0.85 13.12
N SER B 79 5.56 0.14 12.72
CA SER B 79 5.47 0.72 11.39
C SER B 79 6.80 0.54 10.66
N GLN B 80 6.73 0.70 9.34
CA GLN B 80 7.91 0.51 8.48
C GLN B 80 8.93 1.63 8.62
N ASP B 81 8.64 2.67 9.39
CA ASP B 81 9.60 3.75 9.60
C ASP B 81 10.60 3.42 10.72
N GLY B 82 10.55 2.22 11.26
CA GLY B 82 11.43 1.85 12.36
C GLY B 82 10.93 2.27 13.72
N LYS B 83 9.61 2.35 13.91
CA LYS B 83 9.03 2.81 15.16
C LYS B 83 7.97 1.81 15.62
N LEU B 84 8.10 1.35 16.86
CA LEU B 84 7.11 0.51 17.52
C LEU B 84 6.52 1.32 18.66
N ILE B 85 5.29 1.76 18.51
CA ILE B 85 4.64 2.65 19.47
C ILE B 85 3.68 1.84 20.33
N ILE B 86 3.61 2.20 21.61
CA ILE B 86 2.68 1.61 22.56
C ILE B 86 1.57 2.62 22.79
N TRP B 87 0.34 2.25 22.42
CA TRP B 87 -0.81 3.13 22.48
C TRP B 87 -1.73 2.74 23.63
N ASP B 88 -2.21 3.73 24.36
CA ASP B 88 -3.18 3.54 25.44
C ASP B 88 -4.56 3.78 24.84
N SER B 89 -5.31 2.69 24.64
CA SER B 89 -6.59 2.79 23.95
C SER B 89 -7.57 3.69 24.69
N TYR B 90 -7.57 3.63 26.01
CA TYR B 90 -8.56 4.38 26.78
C TYR B 90 -8.43 5.89 26.57
N THR B 91 -7.21 6.38 26.34
CA THR B 91 -6.98 7.81 26.20
C THR B 91 -6.07 8.18 25.05
N THR B 92 -5.55 7.22 24.30
CA THR B 92 -4.68 7.48 23.16
C THR B 92 -3.45 8.31 23.59
N ASN B 93 -2.72 7.79 24.57
CA ASN B 93 -1.51 8.41 25.08
C ASN B 93 -0.31 7.55 24.69
N LYS B 94 0.66 8.16 24.02
CA LYS B 94 1.87 7.46 23.61
C LYS B 94 2.76 7.28 24.82
N VAL B 95 2.93 6.03 25.26
CA VAL B 95 3.74 5.75 26.45
C VAL B 95 5.19 5.44 26.06
N HIS B 96 5.40 4.69 24.99
CA HIS B 96 6.74 4.34 24.55
C HIS B 96 6.79 4.29 23.04
N ALA B 97 7.95 4.65 22.49
CA ALA B 97 8.19 4.63 21.04
C ALA B 97 9.59 4.05 20.83
N ILE B 98 9.65 2.74 20.61
CA ILE B 98 10.91 2.04 20.44
C ILE B 98 11.41 2.28 19.02
N PRO B 99 12.60 2.87 18.84
CA PRO B 99 13.17 2.99 17.48
C PRO B 99 13.87 1.71 17.08
N LEU B 100 13.42 1.11 15.98
CA LEU B 100 13.96 -0.16 15.53
C LEU B 100 15.21 0.05 14.68
N ARG B 101 16.19 -0.84 14.85
CA ARG B 101 17.40 -0.76 14.05
C ARG B 101 17.09 -1.01 12.58
N SER B 102 16.15 -1.91 12.28
CA SER B 102 15.73 -2.21 10.92
C SER B 102 14.37 -1.57 10.71
N SER B 103 14.30 -0.59 9.80
CA SER B 103 13.06 0.11 9.55
C SER B 103 11.96 -0.83 9.05
N TRP B 104 12.35 -1.93 8.39
CA TRP B 104 11.39 -2.84 7.78
C TRP B 104 10.99 -3.88 8.83
N VAL B 105 9.98 -3.54 9.63
CA VAL B 105 9.45 -4.42 10.66
C VAL B 105 8.16 -5.04 10.14
N MET B 106 7.99 -6.35 10.37
CA MET B 106 6.84 -7.07 9.85
C MET B 106 5.96 -7.68 10.94
N THR B 107 6.34 -7.55 12.21
CA THR B 107 5.54 -8.14 13.29
C THR B 107 5.75 -7.33 14.57
N CYS B 108 5.09 -7.77 15.63
CA CYS B 108 5.20 -7.18 16.95
C CYS B 108 4.36 -8.03 17.90
N ALA B 109 4.65 -7.90 19.20
CA ALA B 109 3.97 -8.71 20.20
C ALA B 109 3.95 -7.94 21.52
N TYR B 110 3.18 -8.45 22.47
CA TYR B 110 3.06 -7.86 23.80
C TYR B 110 2.89 -8.99 24.80
N ALA B 111 3.92 -9.21 25.61
CA ALA B 111 3.90 -10.28 26.62
C ALA B 111 2.67 -10.16 27.49
N PRO B 112 2.17 -11.27 28.05
CA PRO B 112 0.99 -11.18 28.92
C PRO B 112 1.21 -10.32 30.14
N SER B 113 2.42 -10.33 30.71
CA SER B 113 2.73 -9.48 31.85
C SER B 113 3.05 -8.05 31.46
N GLY B 114 3.25 -7.78 30.17
CA GLY B 114 3.56 -6.45 29.71
C GLY B 114 4.98 -5.99 29.95
N ASN B 115 5.88 -6.88 30.37
CA ASN B 115 7.25 -6.49 30.67
C ASN B 115 8.18 -6.58 29.47
N TYR B 116 7.76 -7.23 28.38
CA TYR B 116 8.60 -7.40 27.20
C TYR B 116 7.77 -7.16 25.94
N VAL B 117 8.45 -6.72 24.88
CA VAL B 117 7.85 -6.50 23.58
C VAL B 117 8.81 -7.00 22.52
N ALA B 118 8.28 -7.68 21.52
CA ALA B 118 9.08 -8.28 20.46
C ALA B 118 8.79 -7.61 19.13
N CYS B 119 9.76 -7.64 18.24
CA CYS B 119 9.59 -7.09 16.90
C CYS B 119 10.61 -7.73 15.97
N GLY B 120 10.44 -7.51 14.67
CA GLY B 120 11.36 -8.06 13.71
C GLY B 120 10.79 -7.98 12.30
N GLY B 121 11.66 -8.29 11.35
CA GLY B 121 11.30 -8.21 9.94
C GLY B 121 12.37 -8.79 9.04
N LEU B 122 12.64 -8.10 7.93
CA LEU B 122 13.66 -8.59 6.98
C LEU B 122 15.04 -8.70 7.63
N ASP B 123 15.24 -8.10 8.80
CA ASP B 123 16.53 -8.16 9.47
C ASP B 123 16.90 -9.57 9.93
N ASN B 124 15.97 -10.52 9.86
CA ASN B 124 16.21 -11.91 10.25
C ASN B 124 16.53 -12.05 11.74
N ILE B 125 16.19 -11.04 12.54
CA ILE B 125 16.46 -11.04 13.97
C ILE B 125 15.20 -10.60 14.70
N CYS B 126 14.90 -11.28 15.81
CA CYS B 126 13.77 -10.94 16.67
C CYS B 126 14.30 -10.10 17.82
N SER B 127 14.07 -8.78 17.75
CA SER B 127 14.55 -7.85 18.76
C SER B 127 13.52 -7.76 19.89
N ILE B 128 14.02 -7.85 21.12
CA ILE B 128 13.19 -7.76 22.33
C ILE B 128 13.54 -6.48 23.06
N TYR B 129 12.54 -5.91 23.72
CA TYR B 129 12.70 -4.66 24.46
C TYR B 129 11.92 -4.76 25.76
N ASN B 130 12.54 -4.35 26.87
CA ASN B 130 11.91 -4.37 28.18
C ASN B 130 11.27 -3.02 28.45
N LEU B 131 9.99 -3.04 28.85
CA LEU B 131 9.27 -1.81 29.15
C LEU B 131 9.45 -1.37 30.58
N LYS B 132 9.74 -2.29 31.50
CA LYS B 132 9.91 -1.98 32.92
C LYS B 132 11.36 -1.67 33.28
N THR B 133 12.16 -1.19 32.33
CA THR B 133 13.55 -0.88 32.61
C THR B 133 13.65 0.23 33.65
N ARG B 134 14.56 0.05 34.61
CA ARG B 134 14.75 1.07 35.64
C ARG B 134 15.36 2.35 35.06
N GLU B 135 16.09 2.24 33.95
CA GLU B 135 16.71 3.41 33.35
C GLU B 135 15.68 4.40 32.82
N GLY B 136 14.44 3.97 32.62
CA GLY B 136 13.38 4.81 32.08
C GLY B 136 13.30 4.79 30.57
N ASN B 137 14.45 4.84 29.91
CA ASN B 137 14.50 4.79 28.45
C ASN B 137 14.70 3.33 28.01
N VAL B 138 13.71 2.80 27.30
CA VAL B 138 13.80 1.42 26.84
C VAL B 138 14.99 1.25 25.90
N ARG B 139 15.46 0.01 25.78
CA ARG B 139 16.61 -0.31 24.94
C ARG B 139 16.48 -1.76 24.49
N VAL B 140 17.42 -2.19 23.65
CA VAL B 140 17.42 -3.54 23.12
C VAL B 140 17.66 -4.53 24.25
N SER B 141 16.65 -5.35 24.54
CA SER B 141 16.76 -6.34 25.62
C SER B 141 17.43 -7.63 25.14
N ARG B 142 17.09 -8.10 23.94
CA ARG B 142 17.67 -9.32 23.42
C ARG B 142 17.52 -9.34 21.90
N GLU B 143 18.47 -9.99 21.24
CA GLU B 143 18.47 -10.14 19.79
C GLU B 143 18.56 -11.63 19.48
N LEU B 144 17.43 -12.23 19.10
CA LEU B 144 17.34 -13.66 18.84
C LEU B 144 17.64 -13.89 17.35
N ALA B 145 18.92 -13.98 17.02
CA ALA B 145 19.34 -14.21 15.65
C ALA B 145 19.50 -15.71 15.38
N GLY B 146 19.50 -16.06 14.10
CA GLY B 146 19.66 -17.44 13.69
C GLY B 146 18.77 -17.82 12.52
N HIS B 147 17.65 -17.11 12.36
CA HIS B 147 16.74 -17.41 11.27
C HIS B 147 17.32 -16.96 9.93
N THR B 148 17.08 -17.75 8.90
CA THR B 148 17.53 -17.46 7.55
C THR B 148 16.42 -16.89 6.67
N GLY B 149 15.38 -16.31 7.29
CA GLY B 149 14.28 -15.74 6.55
C GLY B 149 13.65 -14.60 7.32
N TYR B 150 12.79 -13.86 6.63
CA TYR B 150 12.13 -12.72 7.24
C TYR B 150 11.18 -13.17 8.34
N LEU B 151 11.22 -12.45 9.47
CA LEU B 151 10.34 -12.75 10.60
C LEU B 151 8.95 -12.17 10.32
N SER B 152 7.96 -13.04 10.20
CA SER B 152 6.61 -12.64 9.81
C SER B 152 5.67 -12.44 11.00
N CYS B 153 5.81 -13.23 12.06
CA CYS B 153 4.95 -13.11 13.22
C CYS B 153 5.72 -13.58 14.45
N CYS B 154 5.25 -13.16 15.62
CA CYS B 154 5.90 -13.49 16.88
C CYS B 154 4.89 -13.37 18.00
N ARG B 155 5.01 -14.26 18.99
CA ARG B 155 4.13 -14.26 20.15
C ARG B 155 4.93 -14.64 21.38
N PHE B 156 4.53 -14.09 22.53
CA PHE B 156 5.20 -14.34 23.80
C PHE B 156 4.57 -15.55 24.48
N LEU B 157 5.32 -16.66 24.54
CA LEU B 157 4.83 -17.82 25.28
C LEU B 157 4.89 -17.60 26.78
N ASP B 158 5.89 -16.87 27.26
CA ASP B 158 6.04 -16.56 28.68
C ASP B 158 7.12 -15.49 28.79
N ASP B 159 7.29 -14.96 30.00
CA ASP B 159 8.32 -13.94 30.23
C ASP B 159 9.71 -14.47 29.93
N ASN B 160 9.91 -15.79 29.94
CA ASN B 160 11.20 -16.39 29.64
C ASN B 160 11.16 -17.32 28.43
N GLN B 161 10.03 -17.41 27.73
CA GLN B 161 9.90 -18.23 26.54
C GLN B 161 9.09 -17.48 25.51
N ILE B 162 9.58 -17.47 24.27
CA ILE B 162 8.95 -16.73 23.19
C ILE B 162 8.90 -17.61 21.95
N VAL B 163 7.92 -17.33 21.09
CA VAL B 163 7.75 -18.06 19.83
C VAL B 163 8.06 -17.11 18.68
N THR B 164 8.56 -17.67 17.59
CA THR B 164 8.94 -16.87 16.42
C THR B 164 8.66 -17.66 15.16
N SER B 165 8.20 -16.95 14.13
CA SER B 165 7.90 -17.53 12.82
C SER B 165 8.66 -16.75 11.77
N SER B 166 9.56 -17.42 11.05
CA SER B 166 10.41 -16.80 10.06
C SER B 166 10.12 -17.36 8.68
N GLY B 167 10.60 -16.65 7.66
CA GLY B 167 10.43 -17.06 6.28
C GLY B 167 11.34 -18.17 5.83
N ASP B 168 12.12 -18.76 6.74
CA ASP B 168 13.00 -19.87 6.41
C ASP B 168 12.30 -21.21 6.41
N THR B 169 10.97 -21.22 6.33
CA THR B 169 10.17 -22.45 6.32
C THR B 169 10.21 -23.18 7.65
N THR B 170 10.61 -22.51 8.73
CA THR B 170 10.73 -23.13 10.03
C THR B 170 10.30 -22.15 11.12
N CYS B 171 9.68 -22.68 12.17
CA CYS B 171 9.34 -21.90 13.35
C CYS B 171 10.30 -22.23 14.48
N ALA B 172 10.38 -21.34 15.47
CA ALA B 172 11.33 -21.49 16.55
C ALA B 172 10.69 -21.09 17.87
N LEU B 173 11.20 -21.67 18.95
CA LEU B 173 10.82 -21.33 20.31
C LEU B 173 12.10 -21.04 21.08
N TRP B 174 12.28 -19.79 21.48
CA TRP B 174 13.49 -19.31 22.12
C TRP B 174 13.25 -19.06 23.60
N ASP B 175 14.34 -19.05 24.37
CA ASP B 175 14.33 -18.64 25.76
C ASP B 175 15.11 -17.33 25.87
N ILE B 176 14.45 -16.29 26.41
CA ILE B 176 15.05 -14.95 26.41
C ILE B 176 16.38 -14.97 27.16
N GLU B 177 16.51 -15.83 28.18
CA GLU B 177 17.73 -15.85 28.98
C GLU B 177 18.89 -16.51 28.23
N THR B 178 18.60 -17.38 27.27
CA THR B 178 19.63 -18.07 26.51
C THR B 178 20.02 -17.34 25.23
N GLY B 179 19.04 -17.03 24.38
CA GLY B 179 19.34 -16.38 23.12
C GLY B 179 19.61 -17.35 21.99
N GLN B 180 19.13 -18.58 22.08
CA GLN B 180 19.30 -19.58 21.04
C GLN B 180 17.99 -20.32 20.83
N GLN B 181 17.97 -21.17 19.82
CA GLN B 181 16.76 -21.92 19.47
C GLN B 181 16.57 -23.05 20.47
N THR B 182 15.75 -22.81 21.49
CA THR B 182 15.43 -23.89 22.42
C THR B 182 14.67 -25.02 21.74
N THR B 183 13.84 -24.68 20.76
CA THR B 183 13.12 -25.69 19.98
C THR B 183 12.94 -25.18 18.56
N THR B 184 12.94 -26.11 17.60
CA THR B 184 12.80 -25.78 16.20
C THR B 184 11.77 -26.69 15.56
N PHE B 185 11.08 -26.16 14.54
CA PHE B 185 10.05 -26.88 13.80
C PHE B 185 10.25 -26.65 12.32
N THR B 186 10.34 -27.74 11.55
CA THR B 186 10.60 -27.68 10.12
C THR B 186 9.57 -28.51 9.35
N GLY B 187 8.29 -28.33 9.66
CA GLY B 187 7.24 -29.04 8.96
C GLY B 187 6.84 -28.37 7.66
N HIS B 188 6.58 -27.07 7.71
CA HIS B 188 6.16 -26.34 6.53
C HIS B 188 7.26 -26.34 5.47
N THR B 189 6.85 -26.03 4.23
CA THR B 189 7.78 -25.91 3.11
C THR B 189 7.90 -24.49 2.59
N GLY B 190 6.93 -23.62 2.86
CA GLY B 190 6.98 -22.24 2.46
C GLY B 190 7.19 -21.32 3.65
N ASP B 191 7.37 -20.03 3.33
CA ASP B 191 7.60 -19.03 4.36
C ASP B 191 6.40 -18.94 5.29
N VAL B 192 6.65 -19.16 6.59
CA VAL B 192 5.58 -19.03 7.58
C VAL B 192 5.21 -17.56 7.73
N MET B 193 3.90 -17.28 7.66
CA MET B 193 3.42 -15.90 7.69
C MET B 193 2.77 -15.49 8.99
N SER B 194 2.23 -16.43 9.76
CA SER B 194 1.55 -16.08 11.01
C SER B 194 1.26 -17.35 11.79
N LEU B 195 1.06 -17.18 13.09
CA LEU B 195 0.74 -18.28 13.98
C LEU B 195 -0.14 -17.76 15.11
N SER B 196 -0.50 -18.64 16.03
CA SER B 196 -1.36 -18.27 17.15
C SER B 196 -1.20 -19.30 18.26
N LEU B 197 -1.09 -18.81 19.49
CA LEU B 197 -0.97 -19.66 20.67
C LEU B 197 -2.32 -19.75 21.37
N ALA B 198 -2.64 -20.94 21.88
CA ALA B 198 -3.91 -21.17 22.55
C ALA B 198 -3.78 -20.86 24.04
N PRO B 199 -4.91 -20.70 24.73
CA PRO B 199 -4.84 -20.46 26.19
C PRO B 199 -4.10 -21.54 26.94
N ASP B 200 -4.10 -22.78 26.44
CA ASP B 200 -3.39 -23.85 27.11
C ASP B 200 -1.89 -23.57 27.19
N THR B 201 -1.36 -22.77 26.26
CA THR B 201 0.04 -22.35 26.27
C THR B 201 0.98 -23.52 26.01
N ARG B 202 0.52 -24.54 25.29
CA ARG B 202 1.35 -25.70 24.97
C ARG B 202 1.28 -26.02 23.48
N LEU B 203 0.16 -25.74 22.84
CA LEU B 203 -0.05 -26.01 21.43
C LEU B 203 -0.12 -24.70 20.65
N PHE B 204 0.40 -24.70 19.42
CA PHE B 204 0.36 -23.53 18.57
C PHE B 204 0.33 -23.95 17.12
N VAL B 205 -0.50 -23.27 16.33
CA VAL B 205 -0.64 -23.54 14.90
C VAL B 205 -0.02 -22.39 14.13
N SER B 206 0.54 -22.73 12.95
CA SER B 206 1.18 -21.75 12.10
C SER B 206 0.87 -22.06 10.64
N GLY B 207 0.66 -21.01 9.85
CA GLY B 207 0.39 -21.13 8.44
C GLY B 207 1.53 -20.56 7.61
N ALA B 208 1.78 -21.16 6.45
CA ALA B 208 2.86 -20.75 5.57
C ALA B 208 2.34 -20.68 4.14
N CYS B 209 3.25 -20.41 3.21
CA CYS B 209 2.91 -20.29 1.80
C CYS B 209 2.53 -21.62 1.16
N ASP B 210 2.61 -22.72 1.89
CA ASP B 210 2.22 -24.03 1.38
C ASP B 210 0.71 -24.25 1.39
N ALA B 211 -0.07 -23.19 1.64
CA ALA B 211 -1.53 -23.29 1.68
C ALA B 211 -1.99 -24.30 2.72
N SER B 212 -1.22 -24.46 3.80
CA SER B 212 -1.54 -25.40 4.86
C SER B 212 -1.18 -24.81 6.20
N ALA B 213 -1.88 -25.26 7.24
CA ALA B 213 -1.64 -24.85 8.61
C ALA B 213 -1.24 -26.06 9.43
N LYS B 214 -0.10 -25.98 10.11
CA LYS B 214 0.45 -27.09 10.87
C LYS B 214 0.46 -26.76 12.36
N LEU B 215 0.16 -27.76 13.17
CA LEU B 215 0.13 -27.64 14.63
C LEU B 215 1.42 -28.20 15.23
N TRP B 216 1.81 -27.64 16.37
CA TRP B 216 3.00 -28.09 17.08
C TRP B 216 2.79 -27.96 18.58
N ASP B 217 3.46 -28.83 19.33
CA ASP B 217 3.45 -28.80 20.79
C ASP B 217 4.80 -28.28 21.27
N VAL B 218 4.77 -27.33 22.21
CA VAL B 218 6.01 -26.71 22.67
C VAL B 218 6.93 -27.74 23.31
N ARG B 219 6.36 -28.78 23.92
CA ARG B 219 7.18 -29.78 24.60
C ARG B 219 7.69 -30.84 23.62
N GLU B 220 6.80 -31.45 22.85
CA GLU B 220 7.20 -32.51 21.94
C GLU B 220 8.16 -31.99 20.88
N GLY B 221 7.73 -30.98 20.13
CA GLY B 221 8.56 -30.41 19.08
C GLY B 221 8.41 -31.06 17.73
N MET B 222 7.30 -31.75 17.47
CA MET B 222 7.04 -32.40 16.19
C MET B 222 5.63 -32.07 15.74
N CYS B 223 5.46 -31.95 14.42
CA CYS B 223 4.15 -31.62 13.86
C CYS B 223 3.15 -32.72 14.18
N ARG B 224 2.11 -32.37 14.93
CA ARG B 224 1.09 -33.32 15.34
C ARG B 224 -0.11 -33.37 14.40
N GLN B 225 -0.31 -32.34 13.58
CA GLN B 225 -1.47 -32.29 12.70
C GLN B 225 -1.24 -31.24 11.63
N THR B 226 -1.87 -31.45 10.48
CA THR B 226 -1.74 -30.55 9.35
C THR B 226 -3.07 -30.43 8.63
N PHE B 227 -3.38 -29.23 8.15
CA PHE B 227 -4.59 -28.94 7.41
C PHE B 227 -4.22 -28.31 6.07
N THR B 228 -4.90 -28.73 5.01
CA THR B 228 -4.61 -28.23 3.67
C THR B 228 -5.88 -27.92 2.90
N GLY B 229 -6.95 -27.53 3.61
CA GLY B 229 -8.18 -27.17 2.94
C GLY B 229 -8.10 -25.87 2.15
N HIS B 230 -7.15 -25.01 2.48
CA HIS B 230 -7.01 -23.74 1.78
C HIS B 230 -6.50 -23.98 0.35
N GLU B 231 -6.52 -22.91 -0.45
CA GLU B 231 -6.10 -22.96 -1.84
C GLU B 231 -4.80 -22.21 -2.11
N SER B 232 -4.55 -21.11 -1.41
CA SER B 232 -3.36 -20.29 -1.64
C SER B 232 -2.67 -20.06 -0.31
N ASP B 233 -1.63 -19.23 -0.33
CA ASP B 233 -0.84 -18.97 0.86
C ASP B 233 -1.73 -18.44 1.98
N ILE B 234 -1.48 -18.92 3.20
CA ILE B 234 -2.23 -18.48 4.37
C ILE B 234 -1.55 -17.25 4.96
N ASN B 235 -2.27 -16.13 4.98
CA ASN B 235 -1.74 -14.88 5.51
C ASN B 235 -2.37 -14.47 6.83
N ALA B 236 -3.19 -15.33 7.43
CA ALA B 236 -3.84 -14.99 8.69
C ALA B 236 -4.19 -16.28 9.42
N ILE B 237 -4.12 -16.24 10.75
CA ILE B 237 -4.43 -17.39 11.58
C ILE B 237 -4.64 -16.90 13.00
N CYS B 238 -5.59 -17.53 13.70
CA CYS B 238 -5.87 -17.18 15.08
C CYS B 238 -6.57 -18.36 15.74
N PHE B 239 -6.23 -18.60 17.00
CA PHE B 239 -6.79 -19.70 17.75
C PHE B 239 -8.20 -19.35 18.22
N PHE B 240 -9.07 -20.37 18.25
CA PHE B 240 -10.42 -20.17 18.75
C PHE B 240 -10.39 -19.97 20.26
N PRO B 241 -11.21 -19.07 20.80
CA PRO B 241 -11.16 -18.81 22.25
C PRO B 241 -11.24 -20.06 23.11
N ASN B 242 -11.83 -21.15 22.61
CA ASN B 242 -11.94 -22.37 23.40
C ASN B 242 -10.67 -23.21 23.38
N GLY B 243 -9.82 -23.03 22.36
CA GLY B 243 -8.58 -23.75 22.28
C GLY B 243 -8.64 -25.07 21.52
N ASN B 244 -9.79 -25.43 20.97
CA ASN B 244 -9.95 -26.69 20.25
C ASN B 244 -9.99 -26.50 18.74
N ALA B 245 -10.15 -25.27 18.25
CA ALA B 245 -10.22 -25.00 16.82
C ALA B 245 -9.47 -23.71 16.52
N PHE B 246 -9.42 -23.34 15.25
CA PHE B 246 -8.75 -22.12 14.84
C PHE B 246 -9.12 -21.79 13.40
N ALA B 247 -9.18 -20.51 13.09
CA ALA B 247 -9.51 -20.03 11.76
C ALA B 247 -8.26 -19.51 11.06
N THR B 248 -8.26 -19.61 9.73
CA THR B 248 -7.17 -19.13 8.91
C THR B 248 -7.76 -18.42 7.69
N GLY B 249 -6.93 -17.61 7.04
CA GLY B 249 -7.35 -16.90 5.84
C GLY B 249 -6.29 -16.92 4.77
N SER B 250 -6.69 -17.05 3.51
CA SER B 250 -5.76 -17.16 2.40
C SER B 250 -5.93 -16.00 1.42
N ASP B 251 -4.92 -15.82 0.57
CA ASP B 251 -4.96 -14.79 -0.46
C ASP B 251 -6.04 -15.06 -1.50
N ASP B 252 -6.65 -16.24 -1.49
CA ASP B 252 -7.75 -16.59 -2.39
C ASP B 252 -9.06 -15.90 -1.99
N ALA B 253 -9.04 -14.97 -1.04
CA ALA B 253 -10.25 -14.30 -0.56
C ALA B 253 -11.18 -15.27 0.13
N THR B 254 -10.62 -16.14 0.98
CA THR B 254 -11.41 -17.16 1.65
C THR B 254 -10.80 -17.46 3.01
N CYS B 255 -11.66 -17.60 4.00
CA CYS B 255 -11.27 -18.05 5.33
C CYS B 255 -11.83 -19.46 5.58
N ARG B 256 -11.15 -20.20 6.45
CA ARG B 256 -11.55 -21.57 6.75
C ARG B 256 -11.29 -21.85 8.22
N LEU B 257 -12.27 -22.45 8.89
CA LEU B 257 -12.17 -22.79 10.30
C LEU B 257 -11.89 -24.28 10.42
N PHE B 258 -10.72 -24.63 10.94
CA PHE B 258 -10.32 -26.02 11.16
C PHE B 258 -10.44 -26.35 12.64
N ASP B 259 -10.61 -27.64 12.91
CA ASP B 259 -10.77 -28.15 14.26
C ASP B 259 -9.66 -29.14 14.58
N LEU B 260 -9.05 -28.97 15.75
CA LEU B 260 -7.93 -29.83 16.16
C LEU B 260 -8.35 -31.27 16.42
N ARG B 261 -9.65 -31.56 16.47
CA ARG B 261 -10.15 -32.90 16.74
C ARG B 261 -10.74 -33.58 15.51
N ALA B 262 -11.29 -32.82 14.56
CA ALA B 262 -11.85 -33.40 13.35
C ALA B 262 -10.83 -33.56 12.24
N ASP B 263 -9.78 -32.73 12.23
CA ASP B 263 -8.73 -32.80 11.21
C ASP B 263 -9.30 -32.55 9.82
N GLN B 264 -10.16 -31.52 9.70
CA GLN B 264 -10.78 -31.19 8.43
C GLN B 264 -11.50 -29.87 8.57
N GLU B 265 -11.89 -29.30 7.44
CA GLU B 265 -12.59 -28.03 7.42
C GLU B 265 -14.09 -28.25 7.58
N LEU B 266 -14.70 -27.47 8.47
CA LEU B 266 -16.14 -27.54 8.70
C LEU B 266 -16.84 -26.20 8.49
N MET B 267 -16.12 -25.15 8.16
CA MET B 267 -16.73 -23.84 7.92
C MET B 267 -15.83 -23.05 6.98
N THR B 268 -16.41 -22.58 5.88
CA THR B 268 -15.68 -21.84 4.84
C THR B 268 -16.38 -20.50 4.61
N TYR B 269 -15.68 -19.41 4.91
CA TYR B 269 -16.19 -18.06 4.72
C TYR B 269 -15.68 -17.52 3.40
N SER B 270 -16.59 -17.26 2.47
CA SER B 270 -16.25 -16.75 1.16
C SER B 270 -17.48 -16.14 0.52
N HIS B 271 -17.25 -15.33 -0.51
CA HIS B 271 -18.34 -14.69 -1.24
C HIS B 271 -17.88 -14.42 -2.66
N ASP B 272 -18.80 -14.52 -3.62
CA ASP B 272 -18.45 -14.33 -5.02
C ASP B 272 -17.92 -12.93 -5.28
N ASN B 273 -18.43 -11.93 -4.56
CA ASN B 273 -18.01 -10.54 -4.73
C ASN B 273 -16.78 -10.19 -3.91
N ILE B 274 -16.28 -11.10 -3.09
CA ILE B 274 -15.10 -10.86 -2.27
C ILE B 274 -13.94 -11.51 -3.00
N ILE B 275 -13.23 -10.71 -3.80
CA ILE B 275 -12.09 -11.20 -4.56
C ILE B 275 -10.77 -10.91 -3.87
N CYS B 276 -10.72 -9.89 -3.00
CA CYS B 276 -9.47 -9.55 -2.33
C CYS B 276 -9.17 -10.53 -1.20
N GLY B 277 -7.89 -10.78 -0.99
CA GLY B 277 -7.45 -11.78 -0.04
C GLY B 277 -7.57 -11.31 1.40
N ILE B 278 -6.94 -12.09 2.29
CA ILE B 278 -6.94 -11.82 3.72
C ILE B 278 -5.53 -11.46 4.15
N THR B 279 -5.44 -10.66 5.22
CA THR B 279 -4.16 -10.22 5.74
C THR B 279 -4.01 -10.58 7.22
N SER B 280 -5.11 -10.55 7.96
CA SER B 280 -5.08 -10.88 9.38
C SER B 280 -6.51 -11.17 9.83
N VAL B 281 -6.63 -12.10 10.80
CA VAL B 281 -7.91 -12.49 11.36
C VAL B 281 -7.77 -12.62 12.87
N SER B 282 -8.91 -12.58 13.55
CA SER B 282 -8.95 -12.72 15.01
C SER B 282 -10.37 -13.00 15.44
N PHE B 283 -10.51 -13.76 16.52
CA PHE B 283 -11.81 -14.10 17.09
C PHE B 283 -12.17 -13.12 18.21
N SER B 284 -13.38 -13.27 18.73
CA SER B 284 -13.88 -12.47 19.84
C SER B 284 -13.64 -13.21 21.15
N LYS B 285 -14.19 -12.68 22.24
CA LYS B 285 -14.05 -13.34 23.54
C LYS B 285 -14.78 -14.67 23.56
N SER B 286 -15.86 -14.80 22.80
CA SER B 286 -16.66 -16.01 22.77
C SER B 286 -16.53 -16.80 21.47
N GLY B 287 -15.97 -16.20 20.42
CA GLY B 287 -15.83 -16.89 19.14
C GLY B 287 -17.08 -16.92 18.30
N ARG B 288 -18.20 -16.36 18.78
CA ARG B 288 -19.42 -16.35 17.98
C ARG B 288 -19.23 -15.61 16.66
N LEU B 289 -18.36 -14.59 16.65
CA LEU B 289 -18.03 -13.84 15.46
C LEU B 289 -16.58 -14.08 15.09
N LEU B 290 -16.26 -13.85 13.81
CA LEU B 290 -14.92 -14.03 13.29
C LEU B 290 -14.55 -12.78 12.50
N LEU B 291 -13.57 -12.02 12.99
CA LEU B 291 -13.11 -10.81 12.33
C LEU B 291 -11.92 -11.13 11.43
N ALA B 292 -12.00 -10.70 10.18
CA ALA B 292 -10.95 -10.97 9.19
C ALA B 292 -10.68 -9.69 8.42
N GLY B 293 -9.41 -9.26 8.43
CA GLY B 293 -9.00 -8.10 7.67
C GLY B 293 -8.68 -8.48 6.23
N TYR B 294 -9.26 -7.74 5.29
CA TYR B 294 -9.05 -7.97 3.87
C TYR B 294 -8.31 -6.79 3.27
N ASP B 295 -7.63 -7.04 2.14
CA ASP B 295 -6.92 -5.99 1.42
C ASP B 295 -7.85 -5.16 0.54
N ASP B 296 -9.16 -5.27 0.73
CA ASP B 296 -10.13 -4.46 0.02
C ASP B 296 -10.47 -3.16 0.75
N PHE B 297 -9.57 -2.68 1.62
CA PHE B 297 -9.75 -1.46 2.38
C PHE B 297 -10.87 -1.56 3.41
N ASN B 298 -11.17 -2.76 3.88
CA ASN B 298 -12.20 -2.95 4.89
C ASN B 298 -12.01 -4.30 5.55
N CYS B 299 -12.65 -4.48 6.70
CA CYS B 299 -12.63 -5.72 7.46
C CYS B 299 -14.03 -6.31 7.50
N ASN B 300 -14.10 -7.64 7.57
CA ASN B 300 -15.36 -8.35 7.57
C ASN B 300 -15.50 -9.16 8.85
N VAL B 301 -16.59 -8.94 9.58
CA VAL B 301 -16.92 -9.69 10.78
C VAL B 301 -18.02 -10.67 10.38
N TRP B 302 -17.65 -11.93 10.16
CA TRP B 302 -18.58 -12.98 9.79
C TRP B 302 -19.12 -13.68 11.03
N ASP B 303 -20.15 -14.49 10.82
CA ASP B 303 -20.70 -15.37 11.85
C ASP B 303 -19.93 -16.68 11.82
N ALA B 304 -19.16 -16.95 12.87
CA ALA B 304 -18.33 -18.15 12.89
C ALA B 304 -19.15 -19.41 12.67
N LEU B 305 -20.43 -19.39 13.02
CA LEU B 305 -21.29 -20.56 12.91
C LEU B 305 -22.13 -20.58 11.65
N LYS B 306 -22.26 -19.46 10.94
CA LYS B 306 -23.07 -19.39 9.73
C LYS B 306 -22.34 -18.87 8.51
N ALA B 307 -21.19 -18.22 8.67
CA ALA B 307 -20.39 -17.73 7.54
C ALA B 307 -21.21 -16.76 6.68
N ASP B 308 -21.63 -15.66 7.30
CA ASP B 308 -22.31 -14.58 6.61
C ASP B 308 -21.76 -13.26 7.14
N ARG B 309 -21.69 -12.26 6.27
CA ARG B 309 -21.09 -10.97 6.64
C ARG B 309 -22.03 -10.24 7.57
N ALA B 310 -21.78 -10.39 8.89
CA ALA B 310 -22.58 -9.70 9.89
C ALA B 310 -22.15 -8.26 10.09
N GLY B 311 -20.88 -7.93 9.84
CA GLY B 311 -20.41 -6.56 9.97
C GLY B 311 -19.34 -6.25 8.95
N VAL B 312 -19.29 -4.99 8.55
CA VAL B 312 -18.33 -4.50 7.55
C VAL B 312 -17.72 -3.22 8.08
N LEU B 313 -16.44 -3.27 8.44
CA LEU B 313 -15.69 -2.09 8.87
C LEU B 313 -15.06 -1.48 7.62
N ALA B 314 -15.71 -0.44 7.09
CA ALA B 314 -15.34 0.13 5.80
C ALA B 314 -14.37 1.31 5.92
N GLY B 315 -14.06 1.76 7.13
CA GLY B 315 -13.20 2.92 7.27
C GLY B 315 -11.73 2.56 7.36
N HIS B 316 -11.06 2.55 6.20
CA HIS B 316 -9.62 2.35 6.13
C HIS B 316 -9.12 2.76 4.74
N ASP B 317 -8.21 3.72 4.68
CA ASP B 317 -7.67 4.18 3.40
C ASP B 317 -6.36 3.46 3.06
N ASN B 318 -6.37 2.13 3.15
CA ASN B 318 -5.19 1.34 2.82
C ASN B 318 -5.47 -0.15 2.99
N ARG B 319 -4.52 -0.99 2.58
CA ARG B 319 -4.63 -2.42 2.80
C ARG B 319 -4.52 -2.73 4.29
N VAL B 320 -5.49 -3.46 4.82
CA VAL B 320 -5.45 -3.88 6.21
C VAL B 320 -4.25 -4.80 6.41
N SER B 321 -3.58 -4.66 7.56
CA SER B 321 -2.37 -5.42 7.83
C SER B 321 -2.51 -6.26 9.10
N CYS B 322 -3.27 -5.76 10.08
CA CYS B 322 -3.41 -6.47 11.34
C CYS B 322 -4.75 -6.15 11.96
N LEU B 323 -5.32 -7.14 12.65
CA LEU B 323 -6.58 -6.98 13.37
C LEU B 323 -6.49 -7.76 14.67
N GLY B 324 -6.79 -7.09 15.78
CA GLY B 324 -6.70 -7.72 17.09
C GLY B 324 -7.92 -7.41 17.93
N VAL B 325 -8.16 -8.29 18.90
CA VAL B 325 -9.28 -8.15 19.83
C VAL B 325 -8.71 -8.20 21.25
N THR B 326 -9.33 -7.44 22.15
CA THR B 326 -8.89 -7.41 23.54
C THR B 326 -9.13 -8.76 24.20
N ASP B 327 -8.42 -8.97 25.32
CA ASP B 327 -8.59 -10.21 26.07
C ASP B 327 -10.03 -10.36 26.56
N ASP B 328 -10.72 -9.25 26.78
CA ASP B 328 -12.11 -9.27 27.21
C ASP B 328 -13.09 -8.89 26.12
N GLY B 329 -12.60 -8.55 24.93
CA GLY B 329 -13.47 -8.28 23.80
C GLY B 329 -14.27 -7.00 23.88
N MET B 330 -13.81 -6.01 24.64
CA MET B 330 -14.55 -4.76 24.74
C MET B 330 -14.48 -3.97 23.44
N ALA B 331 -13.36 -4.04 22.74
CA ALA B 331 -13.19 -3.32 21.47
C ALA B 331 -12.25 -4.11 20.57
N VAL B 332 -12.11 -3.62 19.34
CA VAL B 332 -11.25 -4.23 18.34
C VAL B 332 -10.33 -3.16 17.78
N ALA B 333 -9.12 -3.57 17.42
CA ALA B 333 -8.12 -2.68 16.83
C ALA B 333 -7.77 -3.17 15.43
N THR B 334 -7.66 -2.23 14.50
CA THR B 334 -7.37 -2.55 13.10
C THR B 334 -6.29 -1.60 12.59
N GLY B 335 -5.14 -2.17 12.23
CA GLY B 335 -4.05 -1.39 11.67
C GLY B 335 -3.81 -1.72 10.21
N SER B 336 -3.96 -0.71 9.35
CA SER B 336 -3.73 -0.83 7.91
C SER B 336 -2.51 -0.01 7.52
N TRP B 337 -2.25 0.05 6.21
CA TRP B 337 -1.09 0.75 5.69
C TRP B 337 -1.28 2.26 5.59
N ASP B 338 -2.37 2.80 6.13
CA ASP B 338 -2.60 4.24 6.14
C ASP B 338 -1.93 4.93 7.32
N SER B 339 -1.27 4.18 8.20
CA SER B 339 -0.63 4.69 9.41
C SER B 339 -1.64 5.18 10.44
N PHE B 340 -2.93 4.93 10.23
CA PHE B 340 -3.99 5.36 11.14
C PHE B 340 -4.64 4.10 11.71
N LEU B 341 -4.15 3.66 12.86
CA LEU B 341 -4.67 2.45 13.51
C LEU B 341 -6.00 2.78 14.16
N LYS B 342 -7.09 2.25 13.59
CA LYS B 342 -8.42 2.52 14.08
C LYS B 342 -8.77 1.61 15.25
N ILE B 343 -9.65 2.09 16.12
CA ILE B 343 -10.17 1.33 17.25
C ILE B 343 -11.69 1.34 17.15
N TRP B 344 -12.25 0.22 16.71
CA TRP B 344 -13.69 0.08 16.51
C TRP B 344 -14.32 -0.61 17.71
N ASN B 345 -15.63 -0.44 17.83
CA ASN B 345 -16.39 -1.06 18.92
C ASN B 345 -17.89 -0.93 18.66
N THR C 6 19.81 -38.56 -1.75
CA THR C 6 20.40 -37.84 -0.59
C THR C 6 19.46 -36.78 -0.06
N ALA C 7 19.44 -35.60 -0.70
CA ALA C 7 18.56 -34.53 -0.27
C ALA C 7 17.09 -34.93 -0.46
N SER C 8 16.73 -35.36 -1.67
CA SER C 8 15.36 -35.77 -1.92
C SER C 8 14.97 -36.96 -1.05
N ILE C 9 15.89 -37.91 -0.86
CA ILE C 9 15.59 -39.08 -0.04
C ILE C 9 15.36 -38.67 1.41
N ALA C 10 16.18 -37.75 1.94
CA ALA C 10 15.99 -37.28 3.30
C ALA C 10 14.68 -36.51 3.44
N GLN C 11 14.34 -35.70 2.43
CA GLN C 11 13.08 -34.97 2.48
C GLN C 11 11.89 -35.93 2.48
N ALA C 12 11.96 -36.97 1.64
CA ALA C 12 10.87 -37.96 1.62
C ALA C 12 10.79 -38.71 2.93
N ARG C 13 11.94 -39.01 3.55
CA ARG C 13 11.94 -39.68 4.84
C ARG C 13 11.28 -38.81 5.90
N LYS C 14 11.64 -37.53 5.95
CA LYS C 14 11.01 -36.62 6.91
C LYS C 14 9.51 -36.51 6.64
N LEU C 15 9.12 -36.48 5.36
CA LEU C 15 7.71 -36.35 5.02
C LEU C 15 6.93 -37.57 5.49
N VAL C 16 7.46 -38.77 5.24
CA VAL C 16 6.74 -39.97 5.65
C VAL C 16 6.74 -40.11 7.17
N GLU C 17 7.80 -39.63 7.84
CA GLU C 17 7.79 -39.63 9.30
C GLU C 17 6.70 -38.71 9.84
N GLN C 18 6.56 -37.52 9.24
CA GLN C 18 5.49 -36.62 9.65
C GLN C 18 4.12 -37.24 9.38
N LEU C 19 3.97 -37.90 8.23
CA LEU C 19 2.69 -38.55 7.92
C LEU C 19 2.38 -39.65 8.93
N LYS C 20 3.38 -40.43 9.33
CA LYS C 20 3.17 -41.45 10.35
C LYS C 20 2.77 -40.82 11.67
N MET C 21 3.49 -39.77 12.09
CA MET C 21 3.14 -39.09 13.34
C MET C 21 1.73 -38.54 13.30
N GLU C 22 1.26 -38.13 12.12
CA GLU C 22 -0.09 -37.60 11.98
C GLU C 22 -1.14 -38.70 11.86
N ALA C 23 -0.74 -39.91 11.47
CA ALA C 23 -1.71 -40.99 11.29
C ALA C 23 -2.28 -41.45 12.63
N ASN C 24 -1.46 -41.50 13.67
CA ASN C 24 -1.91 -41.97 14.97
C ASN C 24 -2.86 -41.01 15.67
N ILE C 25 -3.14 -39.84 15.07
CA ILE C 25 -4.04 -38.90 15.71
C ILE C 25 -5.44 -39.49 15.77
N ASP C 26 -6.09 -39.34 16.92
CA ASP C 26 -7.45 -39.86 17.13
C ASP C 26 -8.44 -38.80 16.67
N ARG C 27 -9.01 -39.00 15.49
CA ARG C 27 -9.93 -38.05 14.89
C ARG C 27 -11.36 -38.46 15.22
N ILE C 28 -12.05 -37.64 16.01
CA ILE C 28 -13.43 -37.90 16.37
C ILE C 28 -14.34 -37.31 15.29
N LYS C 29 -15.61 -37.72 15.29
CA LYS C 29 -16.55 -37.20 14.31
C LYS C 29 -16.71 -35.69 14.46
N VAL C 30 -17.00 -35.02 13.35
CA VAL C 30 -17.16 -33.58 13.36
C VAL C 30 -18.39 -33.16 14.15
N SER C 31 -19.32 -34.08 14.41
CA SER C 31 -20.51 -33.74 15.19
C SER C 31 -20.12 -33.29 16.60
N LYS C 32 -19.19 -34.01 17.22
CA LYS C 32 -18.75 -33.64 18.57
C LYS C 32 -18.07 -32.27 18.56
N ALA C 33 -17.25 -32.01 17.55
CA ALA C 33 -16.60 -30.70 17.46
C ALA C 33 -17.62 -29.58 17.30
N ALA C 34 -18.61 -29.79 16.44
CA ALA C 34 -19.64 -28.76 16.25
C ALA C 34 -20.45 -28.56 17.53
N ALA C 35 -20.75 -29.64 18.24
CA ALA C 35 -21.49 -29.52 19.49
C ALA C 35 -20.68 -28.74 20.53
N ASP C 36 -19.39 -29.02 20.62
CA ASP C 36 -18.54 -28.29 21.56
C ASP C 36 -18.44 -26.82 21.19
N LEU C 37 -18.32 -26.53 19.89
CA LEU C 37 -18.28 -25.13 19.44
C LEU C 37 -19.57 -24.41 19.81
N MET C 38 -20.72 -25.04 19.53
CA MET C 38 -21.99 -24.41 19.87
C MET C 38 -22.14 -24.21 21.37
N ALA C 39 -21.69 -25.19 22.17
CA ALA C 39 -21.77 -25.06 23.61
C ALA C 39 -20.91 -23.88 24.10
N TYR C 40 -19.67 -23.81 23.62
CA TYR C 40 -18.81 -22.70 24.02
C TYR C 40 -19.41 -21.36 23.60
N CYS C 41 -19.97 -21.29 22.39
CA CYS C 41 -20.58 -20.05 21.93
C CYS C 41 -21.73 -19.63 22.84
N GLU C 42 -22.68 -20.54 23.08
CA GLU C 42 -23.83 -20.21 23.91
C GLU C 42 -23.44 -19.93 25.35
N ALA C 43 -22.31 -20.47 25.82
CA ALA C 43 -21.88 -20.21 27.19
C ALA C 43 -21.14 -18.88 27.32
N HIS C 44 -20.40 -18.47 26.28
CA HIS C 44 -19.63 -17.23 26.33
C HIS C 44 -20.29 -16.09 25.58
N ALA C 45 -21.33 -16.36 24.78
CA ALA C 45 -21.99 -15.28 24.05
C ALA C 45 -22.59 -14.25 25.00
N LYS C 46 -22.94 -14.65 26.22
CA LYS C 46 -23.52 -13.71 27.17
C LYS C 46 -22.49 -12.67 27.60
N GLU C 47 -21.28 -13.11 27.92
CA GLU C 47 -20.21 -12.22 28.37
C GLU C 47 -19.40 -11.62 27.23
N ASP C 48 -19.87 -11.76 25.99
CA ASP C 48 -19.16 -11.21 24.84
C ASP C 48 -19.76 -9.86 24.49
N PRO C 49 -19.06 -8.74 24.69
CA PRO C 49 -19.66 -7.44 24.37
C PRO C 49 -19.98 -7.27 22.90
N LEU C 50 -19.27 -7.96 22.01
CA LEU C 50 -19.50 -7.79 20.57
C LEU C 50 -20.83 -8.39 20.12
N LEU C 51 -21.30 -9.44 20.79
CA LEU C 51 -22.57 -10.07 20.45
C LEU C 51 -23.74 -9.49 21.22
N THR C 52 -23.60 -9.34 22.54
CA THR C 52 -24.63 -8.70 23.35
C THR C 52 -24.28 -7.23 23.51
N PRO C 53 -25.04 -6.29 22.93
CA PRO C 53 -24.69 -4.87 23.04
C PRO C 53 -24.43 -4.44 24.48
N VAL C 54 -23.18 -4.07 24.77
CA VAL C 54 -22.83 -3.61 26.12
C VAL C 54 -23.32 -2.18 26.31
N PRO C 55 -23.90 -1.83 27.46
CA PRO C 55 -24.32 -0.44 27.67
C PRO C 55 -23.15 0.51 27.68
N ALA C 56 -23.38 1.72 27.16
CA ALA C 56 -22.32 2.71 27.12
C ALA C 56 -21.80 3.05 28.50
N SER C 57 -22.64 2.93 29.53
CA SER C 57 -22.20 3.22 30.89
C SER C 57 -21.13 2.23 31.35
N GLU C 58 -21.29 0.95 31.02
CA GLU C 58 -20.31 -0.05 31.41
C GLU C 58 -19.12 -0.08 30.47
N ASN C 59 -19.34 0.16 29.19
CA ASN C 59 -18.24 0.15 28.22
C ASN C 59 -17.31 1.33 28.48
N PRO C 60 -16.03 1.09 28.79
CA PRO C 60 -15.13 2.23 29.08
C PRO C 60 -14.83 3.10 27.87
N PHE C 61 -15.24 2.71 26.66
CA PHE C 61 -15.00 3.53 25.48
C PHE C 61 -16.02 4.64 25.30
N ARG C 62 -17.26 4.42 25.74
CA ARG C 62 -18.32 5.41 25.59
C ARG C 62 -18.82 5.87 26.96
N GLN D 1 -5.26 -30.96 0.02
CA GLN D 1 -6.22 -30.78 -1.11
C GLN D 1 -5.51 -30.24 -2.34
N VAL D 2 -4.68 -29.22 -2.14
CA VAL D 2 -3.93 -28.62 -3.25
C VAL D 2 -2.92 -29.65 -3.74
N GLN D 3 -3.12 -30.14 -4.96
CA GLN D 3 -2.21 -31.10 -5.56
C GLN D 3 -2.16 -30.86 -7.06
N LEU D 4 -0.99 -31.08 -7.65
CA LEU D 4 -0.77 -30.91 -9.09
C LEU D 4 0.00 -32.13 -9.60
N GLN D 5 -0.73 -33.15 -10.03
CA GLN D 5 -0.09 -34.32 -10.61
C GLN D 5 0.17 -34.08 -12.10
N GLU D 6 1.19 -34.76 -12.62
CA GLU D 6 1.59 -34.58 -14.01
C GLU D 6 1.98 -35.92 -14.62
N SER D 7 1.62 -36.11 -15.89
CA SER D 7 1.90 -37.34 -16.61
C SER D 7 2.41 -37.01 -18.00
N GLY D 8 3.13 -37.96 -18.59
CA GLY D 8 3.73 -37.78 -19.89
C GLY D 8 5.24 -37.86 -19.85
N GLY D 9 5.90 -37.32 -20.86
CA GLY D 9 7.35 -37.32 -20.90
C GLY D 9 7.93 -38.64 -21.37
N GLY D 10 9.03 -39.05 -20.76
CA GLY D 10 9.69 -40.28 -21.15
C GLY D 10 10.73 -40.05 -22.22
N LEU D 11 11.00 -41.11 -22.99
CA LEU D 11 11.98 -41.08 -24.06
C LEU D 11 11.33 -40.69 -25.36
N VAL D 12 12.00 -39.80 -26.12
CA VAL D 12 11.53 -39.38 -27.43
C VAL D 12 12.75 -39.16 -28.32
N GLN D 13 12.52 -39.28 -29.63
CA GLN D 13 13.57 -39.06 -30.60
C GLN D 13 13.54 -37.61 -31.09
N PRO D 14 14.68 -37.08 -31.52
CA PRO D 14 14.70 -35.69 -32.01
C PRO D 14 13.72 -35.50 -33.16
N GLY D 15 13.09 -34.33 -33.18
CA GLY D 15 12.12 -33.99 -34.20
C GLY D 15 10.72 -34.52 -33.97
N GLY D 16 10.52 -35.34 -32.95
CA GLY D 16 9.21 -35.89 -32.65
C GLY D 16 8.31 -34.88 -31.97
N SER D 17 7.29 -35.40 -31.28
CA SER D 17 6.34 -34.57 -30.57
C SER D 17 5.81 -35.35 -29.38
N LEU D 18 5.28 -34.61 -28.41
CA LEU D 18 4.76 -35.23 -27.19
C LEU D 18 3.86 -34.25 -26.46
N ARG D 19 2.79 -34.78 -25.87
CA ARG D 19 1.81 -33.98 -25.13
C ARG D 19 1.86 -34.39 -23.67
N LEU D 20 2.30 -33.47 -22.81
CA LEU D 20 2.36 -33.71 -21.37
C LEU D 20 1.12 -33.12 -20.71
N SER D 21 0.48 -33.91 -19.84
CA SER D 21 -0.75 -33.51 -19.18
C SER D 21 -0.46 -33.22 -17.70
N CYS D 22 -1.29 -32.35 -17.11
CA CYS D 22 -1.15 -32.00 -15.71
C CYS D 22 -2.52 -31.73 -15.11
N ALA D 23 -2.90 -32.54 -14.14
CA ALA D 23 -4.19 -32.41 -13.47
C ALA D 23 -3.98 -31.77 -12.10
N ALA D 24 -4.67 -30.66 -11.87
CA ALA D 24 -4.58 -29.92 -10.61
C ALA D 24 -5.93 -29.96 -9.90
N SER D 25 -5.90 -30.26 -8.61
CA SER D 25 -7.11 -30.36 -7.80
C SER D 25 -6.89 -29.66 -6.47
N GLY D 26 -7.99 -29.17 -5.90
CA GLY D 26 -7.96 -28.50 -4.62
C GLY D 26 -8.20 -27.01 -4.65
N PHE D 27 -8.69 -26.47 -5.77
CA PHE D 27 -8.93 -25.04 -5.91
C PHE D 27 -9.72 -24.81 -7.19
N THR D 28 -9.95 -23.54 -7.51
CA THR D 28 -10.64 -23.15 -8.75
C THR D 28 -9.60 -22.94 -9.83
N PHE D 29 -9.37 -23.97 -10.63
CA PHE D 29 -8.35 -23.90 -11.68
C PHE D 29 -8.61 -22.78 -12.67
N SER D 30 -9.86 -22.34 -12.81
CA SER D 30 -10.19 -21.30 -13.77
C SER D 30 -9.87 -19.90 -13.24
N ASN D 31 -9.45 -19.78 -11.99
CA ASN D 31 -9.17 -18.49 -11.37
C ASN D 31 -7.68 -18.25 -11.13
N TYR D 32 -6.82 -19.21 -11.46
CA TYR D 32 -5.39 -19.11 -11.24
C TYR D 32 -4.64 -19.19 -12.56
N LYS D 33 -3.68 -18.28 -12.74
CA LYS D 33 -2.80 -18.36 -13.90
C LYS D 33 -1.86 -19.56 -13.75
N MET D 34 -1.56 -20.20 -14.89
CA MET D 34 -0.74 -21.39 -14.91
C MET D 34 0.56 -21.13 -15.65
N ASN D 35 1.59 -21.91 -15.33
CA ASN D 35 2.88 -21.79 -15.97
C ASN D 35 3.50 -23.18 -16.13
N TRP D 36 4.24 -23.34 -17.21
CA TRP D 36 5.07 -24.53 -17.43
C TRP D 36 6.53 -24.11 -17.35
N VAL D 37 7.28 -24.82 -16.50
CA VAL D 37 8.72 -24.57 -16.34
C VAL D 37 9.46 -25.88 -16.52
N ARG D 38 10.77 -25.77 -16.75
CA ARG D 38 11.61 -26.94 -16.97
C ARG D 38 12.98 -26.71 -16.35
N GLN D 39 13.50 -27.73 -15.69
CA GLN D 39 14.83 -27.71 -15.10
C GLN D 39 15.65 -28.83 -15.72
N ALA D 40 16.77 -28.48 -16.33
CA ALA D 40 17.62 -29.46 -16.98
C ALA D 40 18.56 -30.11 -15.96
N PRO D 41 19.08 -31.30 -16.27
CA PRO D 41 19.99 -31.97 -15.33
C PRO D 41 21.20 -31.11 -15.02
N GLY D 42 21.32 -30.72 -13.75
CA GLY D 42 22.43 -29.91 -13.30
C GLY D 42 22.26 -28.42 -13.43
N LYS D 43 21.29 -27.96 -14.22
CA LYS D 43 21.03 -26.55 -14.40
C LYS D 43 19.87 -26.11 -13.51
N GLY D 44 19.74 -24.78 -13.36
CA GLY D 44 18.68 -24.21 -12.55
C GLY D 44 17.35 -24.18 -13.28
N LEU D 45 16.35 -23.65 -12.59
CA LEU D 45 15.02 -23.55 -13.17
C LEU D 45 15.04 -22.70 -14.44
N GLU D 46 14.15 -23.03 -15.37
CA GLU D 46 14.03 -22.32 -16.63
C GLU D 46 12.55 -22.29 -17.01
N TRP D 47 11.93 -21.12 -16.85
CA TRP D 47 10.52 -20.97 -17.20
C TRP D 47 10.33 -21.18 -18.70
N VAL D 48 9.27 -21.92 -19.05
CA VAL D 48 8.99 -22.26 -20.44
C VAL D 48 7.89 -21.36 -20.98
N SER D 49 6.72 -21.40 -20.36
CA SER D 49 5.56 -20.68 -20.88
C SER D 49 4.60 -20.34 -19.76
N ASP D 50 3.67 -19.44 -20.04
CA ASP D 50 2.63 -19.06 -19.10
C ASP D 50 1.32 -18.87 -19.85
N ILE D 51 0.22 -19.22 -19.18
CA ILE D 51 -1.12 -19.08 -19.73
C ILE D 51 -2.03 -18.53 -18.65
N SER D 52 -2.85 -17.55 -19.02
CA SER D 52 -3.71 -16.86 -18.06
C SER D 52 -4.93 -17.72 -17.77
N GLN D 53 -5.90 -17.15 -17.02
CA GLN D 53 -7.08 -17.91 -16.64
C GLN D 53 -7.88 -18.35 -17.86
N SER D 54 -8.39 -17.39 -18.63
CA SER D 54 -9.21 -17.67 -19.80
C SER D 54 -8.39 -17.93 -21.06
N GLY D 55 -7.07 -18.07 -20.93
CA GLY D 55 -6.22 -18.32 -22.07
C GLY D 55 -6.12 -17.17 -23.05
N ALA D 56 -6.77 -16.03 -22.79
CA ALA D 56 -6.67 -14.91 -23.70
C ALA D 56 -5.26 -14.35 -23.76
N SER D 57 -4.52 -14.44 -22.65
CA SER D 57 -3.14 -13.97 -22.56
C SER D 57 -2.23 -15.17 -22.38
N ILE D 58 -1.35 -15.42 -23.35
CA ILE D 58 -0.42 -16.53 -23.31
C ILE D 58 0.94 -16.03 -23.75
N SER D 59 1.99 -16.62 -23.20
CA SER D 59 3.35 -16.24 -23.57
C SER D 59 4.25 -17.48 -23.50
N TYR D 60 5.30 -17.46 -24.32
CA TYR D 60 6.24 -18.57 -24.41
C TYR D 60 7.67 -18.05 -24.28
N THR D 61 8.57 -18.93 -23.88
CA THR D 61 9.98 -18.57 -23.78
C THR D 61 10.61 -18.51 -25.16
N GLY D 62 11.46 -17.49 -25.37
CA GLY D 62 12.06 -17.29 -26.68
C GLY D 62 12.89 -18.47 -27.14
N SER D 63 13.52 -19.19 -26.21
CA SER D 63 14.35 -20.33 -26.59
C SER D 63 13.50 -21.46 -27.17
N VAL D 64 12.23 -21.55 -26.78
CA VAL D 64 11.36 -22.63 -27.24
C VAL D 64 10.06 -22.04 -27.78
N LYS D 65 10.08 -20.76 -28.13
CA LYS D 65 8.89 -20.11 -28.67
C LYS D 65 8.54 -20.72 -30.02
N GLY D 66 7.28 -21.13 -30.17
CA GLY D 66 6.81 -21.68 -31.42
C GLY D 66 6.76 -23.20 -31.43
N ARG D 67 7.76 -23.84 -30.85
CA ARG D 67 7.80 -25.30 -30.83
C ARG D 67 6.79 -25.87 -29.84
N PHE D 68 6.71 -25.28 -28.64
CA PHE D 68 5.78 -25.75 -27.63
C PHE D 68 4.44 -25.03 -27.77
N THR D 69 3.40 -25.64 -27.20
CA THR D 69 2.06 -25.06 -27.21
C THR D 69 1.39 -25.37 -25.87
N ILE D 70 1.08 -24.33 -25.12
CA ILE D 70 0.45 -24.46 -23.80
C ILE D 70 -1.04 -24.22 -23.95
N SER D 71 -1.84 -25.06 -23.28
CA SER D 71 -3.29 -24.91 -23.31
C SER D 71 -3.86 -25.36 -21.97
N ARG D 72 -5.07 -24.91 -21.69
CA ARG D 72 -5.73 -25.25 -20.44
C ARG D 72 -7.22 -25.48 -20.68
N ASP D 73 -7.73 -26.60 -20.17
CA ASP D 73 -9.15 -26.95 -20.25
C ASP D 73 -9.76 -26.76 -18.87
N ASN D 74 -10.63 -25.76 -18.73
CA ASN D 74 -11.26 -25.47 -17.45
C ASN D 74 -12.42 -26.41 -17.15
N ALA D 75 -12.99 -27.05 -18.16
CA ALA D 75 -14.07 -28.00 -17.92
C ALA D 75 -13.63 -29.15 -17.03
N LYS D 76 -12.37 -29.56 -17.15
CA LYS D 76 -11.82 -30.62 -16.31
C LYS D 76 -10.57 -30.16 -15.55
N ASN D 77 -10.38 -28.85 -15.43
CA ASN D 77 -9.25 -28.27 -14.70
C ASN D 77 -7.95 -29.02 -14.99
N THR D 78 -7.55 -28.99 -16.25
CA THR D 78 -6.35 -29.68 -16.71
C THR D 78 -5.51 -28.74 -17.56
N LEU D 79 -4.20 -28.99 -17.56
CA LEU D 79 -3.25 -28.23 -18.36
C LEU D 79 -2.52 -29.18 -19.30
N TYR D 80 -2.19 -28.68 -20.49
CA TYR D 80 -1.55 -29.50 -21.51
C TYR D 80 -0.41 -28.73 -22.15
N LEU D 81 0.70 -29.42 -22.39
CA LEU D 81 1.86 -28.86 -23.07
C LEU D 81 2.21 -29.77 -24.23
N GLN D 82 1.93 -29.30 -25.45
CA GLN D 82 2.19 -30.06 -26.67
C GLN D 82 3.49 -29.53 -27.28
N MET D 83 4.58 -30.27 -27.08
CA MET D 83 5.87 -29.94 -27.68
C MET D 83 5.98 -30.64 -29.03
N ASN D 84 6.41 -29.88 -30.04
CA ASN D 84 6.57 -30.41 -31.39
C ASN D 84 7.99 -30.14 -31.87
N SER D 85 8.53 -31.10 -32.61
CA SER D 85 9.90 -31.03 -33.13
C SER D 85 10.90 -30.80 -31.98
N LEU D 86 10.90 -31.74 -31.05
CA LEU D 86 11.77 -31.65 -29.90
C LEU D 86 13.24 -31.59 -30.33
N LYS D 87 14.08 -31.14 -29.41
CA LYS D 87 15.51 -31.00 -29.62
C LYS D 87 16.25 -31.73 -28.50
N PRO D 88 17.50 -32.12 -28.73
CA PRO D 88 18.25 -32.82 -27.67
C PRO D 88 18.45 -31.99 -26.41
N GLU D 89 18.35 -30.67 -26.51
CA GLU D 89 18.48 -29.82 -25.33
C GLU D 89 17.19 -29.72 -24.53
N ASP D 90 16.07 -30.20 -25.07
CA ASP D 90 14.79 -30.13 -24.36
C ASP D 90 14.71 -31.13 -23.20
N THR D 91 15.62 -32.09 -23.12
CA THR D 91 15.59 -33.07 -22.04
C THR D 91 15.69 -32.35 -20.70
N ALA D 92 14.71 -32.57 -19.84
CA ALA D 92 14.65 -31.90 -18.54
C ALA D 92 13.44 -32.42 -17.78
N VAL D 93 13.31 -31.97 -16.54
CA VAL D 93 12.15 -32.25 -15.71
C VAL D 93 11.22 -31.05 -15.80
N TYR D 94 10.00 -31.29 -16.29
CA TYR D 94 9.00 -30.25 -16.45
C TYR D 94 8.07 -30.22 -15.25
N TYR D 95 7.56 -29.03 -14.94
CA TYR D 95 6.66 -28.80 -13.82
C TYR D 95 5.56 -27.83 -14.25
N CYS D 96 4.35 -28.09 -13.77
CA CYS D 96 3.21 -27.21 -13.97
C CYS D 96 2.96 -26.45 -12.66
N ALA D 97 3.29 -25.17 -12.65
CA ALA D 97 3.20 -24.33 -11.47
C ALA D 97 1.95 -23.45 -11.52
N ARG D 98 1.29 -23.31 -10.38
CA ARG D 98 0.14 -22.44 -10.25
C ARG D 98 0.55 -21.09 -9.68
N CYS D 99 -0.11 -20.03 -10.15
CA CYS D 99 0.19 -18.70 -9.66
C CYS D 99 -0.17 -18.61 -8.17
N PRO D 100 0.68 -17.99 -7.34
CA PRO D 100 0.37 -17.95 -5.90
C PRO D 100 -0.92 -17.20 -5.57
N ALA D 101 -1.25 -16.16 -6.32
CA ALA D 101 -2.43 -15.37 -6.05
C ALA D 101 -3.40 -15.42 -7.23
N PRO D 102 -4.69 -15.58 -7.00
CA PRO D 102 -5.65 -15.60 -8.11
C PRO D 102 -6.04 -14.18 -8.52
N PHE D 103 -6.62 -14.10 -9.73
CA PHE D 103 -7.08 -12.84 -10.30
C PHE D 103 -5.94 -11.86 -10.53
N THR D 104 -4.69 -12.33 -10.50
CA THR D 104 -3.52 -11.50 -10.70
C THR D 104 -2.74 -11.98 -11.91
N ARG D 105 -1.83 -11.13 -12.37
CA ARG D 105 -0.98 -11.43 -13.51
C ARG D 105 0.50 -11.47 -13.11
N ASP D 106 0.77 -11.80 -11.85
CA ASP D 106 2.13 -11.85 -11.33
C ASP D 106 2.31 -13.15 -10.55
N CYS D 107 3.34 -13.92 -10.91
CA CYS D 107 3.63 -15.19 -10.27
C CYS D 107 5.12 -15.34 -10.09
N PHE D 108 5.52 -15.82 -8.91
CA PHE D 108 6.93 -15.99 -8.55
C PHE D 108 7.26 -17.46 -8.35
N ASP D 109 6.76 -18.31 -9.24
CA ASP D 109 7.01 -19.75 -9.11
C ASP D 109 8.46 -20.10 -9.43
N VAL D 110 8.97 -19.60 -10.58
CA VAL D 110 10.31 -19.93 -11.01
C VAL D 110 11.39 -19.30 -10.14
N THR D 111 11.02 -18.35 -9.27
CA THR D 111 12.02 -17.66 -8.46
C THR D 111 12.74 -18.63 -7.51
N SER D 112 11.98 -19.52 -6.88
CA SER D 112 12.53 -20.44 -5.88
C SER D 112 12.39 -21.88 -6.36
N THR D 113 13.24 -22.75 -5.81
CA THR D 113 13.19 -24.17 -6.13
C THR D 113 12.33 -24.96 -5.15
N THR D 114 12.18 -24.48 -3.91
CA THR D 114 11.34 -25.12 -2.91
C THR D 114 9.89 -24.68 -3.00
N TYR D 115 9.46 -24.16 -4.14
CA TYR D 115 8.09 -23.71 -4.30
C TYR D 115 7.12 -24.88 -4.05
N ALA D 116 5.97 -24.55 -3.47
CA ALA D 116 5.01 -25.58 -3.07
C ALA D 116 4.06 -25.99 -4.19
N TYR D 117 3.50 -25.01 -4.91
CA TYR D 117 2.49 -25.29 -5.94
C TYR D 117 3.18 -25.85 -7.18
N ARG D 118 3.59 -27.11 -7.08
CA ARG D 118 4.23 -27.80 -8.18
C ARG D 118 3.90 -29.29 -8.10
N GLY D 119 4.30 -30.02 -9.15
CA GLY D 119 4.15 -31.45 -9.19
C GLY D 119 5.44 -32.19 -8.91
N GLN D 120 5.36 -33.52 -8.95
CA GLN D 120 6.52 -34.35 -8.72
C GLN D 120 7.57 -34.24 -9.81
N GLY D 121 7.25 -33.57 -10.92
CA GLY D 121 8.19 -33.41 -12.01
C GLY D 121 8.10 -34.52 -13.03
N THR D 122 7.95 -34.16 -14.30
CA THR D 122 7.86 -35.12 -15.40
C THR D 122 9.17 -35.09 -16.18
N GLN D 123 9.91 -36.19 -16.14
CA GLN D 123 11.19 -36.26 -16.82
C GLN D 123 10.99 -36.53 -18.31
N VAL D 124 11.78 -35.84 -19.14
CA VAL D 124 11.73 -36.00 -20.58
C VAL D 124 13.17 -36.09 -21.10
N THR D 125 13.44 -37.07 -21.94
CA THR D 125 14.73 -37.26 -22.57
C THR D 125 14.55 -37.30 -24.09
N VAL D 126 15.44 -36.61 -24.80
CA VAL D 126 15.40 -36.51 -26.25
C VAL D 126 16.72 -37.04 -26.78
N SER D 127 16.69 -38.20 -27.44
CA SER D 127 17.89 -38.81 -28.00
C SER D 127 17.45 -40.00 -28.84
N SER D 128 18.41 -40.55 -29.58
CA SER D 128 18.14 -41.70 -30.44
C SER D 128 17.93 -42.95 -29.62
N LEU E 2 -36.34 49.31 -0.03
CA LEU E 2 -35.03 48.68 -0.37
C LEU E 2 -35.04 48.08 -1.77
N LEU E 3 -36.23 48.00 -2.37
CA LEU E 3 -36.38 47.45 -3.72
C LEU E 3 -36.17 48.58 -4.72
N GLU E 4 -34.90 48.81 -5.06
CA GLU E 4 -34.54 49.85 -6.01
C GLU E 4 -34.81 49.39 -7.44
N THR E 5 -34.44 50.23 -8.41
CA THR E 5 -34.67 49.89 -9.81
C THR E 5 -33.93 48.60 -10.18
N GLN E 6 -32.68 48.46 -9.74
CA GLN E 6 -31.92 47.24 -9.99
C GLN E 6 -31.09 46.65 -8.87
N ASP E 7 -30.90 47.35 -7.74
CA ASP E 7 -30.12 46.79 -6.65
C ASP E 7 -30.80 45.57 -6.01
N ALA E 8 -32.10 45.39 -6.25
CA ALA E 8 -32.78 44.20 -5.74
C ALA E 8 -32.22 42.94 -6.40
N LEU E 9 -32.07 42.97 -7.72
CA LEU E 9 -31.43 41.85 -8.41
C LEU E 9 -30.01 41.64 -7.91
N TYR E 10 -29.30 42.74 -7.61
CA TYR E 10 -27.95 42.64 -7.05
C TYR E 10 -27.97 41.88 -5.73
N VAL E 11 -28.87 42.25 -4.82
CA VAL E 11 -28.95 41.60 -3.52
C VAL E 11 -29.33 40.12 -3.70
N ALA E 12 -30.26 39.84 -4.60
CA ALA E 12 -30.68 38.45 -4.80
C ALA E 12 -29.53 37.60 -5.33
N LEU E 13 -28.82 38.11 -6.35
CA LEU E 13 -27.69 37.36 -6.90
C LEU E 13 -26.60 37.18 -5.85
N GLU E 14 -26.35 38.20 -5.03
CA GLU E 14 -25.34 38.05 -3.99
C GLU E 14 -25.76 37.02 -2.95
N LEU E 15 -27.05 36.97 -2.62
CA LEU E 15 -27.53 35.96 -1.67
C LEU E 15 -27.36 34.56 -2.24
N VAL E 16 -27.72 34.37 -3.52
CA VAL E 16 -27.56 33.06 -4.14
C VAL E 16 -26.09 32.67 -4.18
N ILE E 17 -25.22 33.62 -4.54
CA ILE E 17 -23.79 33.35 -4.59
C ILE E 17 -23.26 32.96 -3.22
N ALA E 18 -23.67 33.69 -2.18
CA ALA E 18 -23.22 33.37 -0.83
C ALA E 18 -23.69 31.99 -0.40
N ALA E 19 -24.95 31.67 -0.68
CA ALA E 19 -25.47 30.35 -0.32
C ALA E 19 -24.66 29.24 -1.01
N LEU E 20 -24.47 29.36 -2.31
CA LEU E 20 -23.75 28.32 -3.04
C LEU E 20 -22.31 28.21 -2.56
N SER E 21 -21.66 29.36 -2.33
CA SER E 21 -20.26 29.36 -1.89
C SER E 21 -20.14 28.70 -0.52
N VAL E 22 -20.98 29.10 0.44
CA VAL E 22 -20.88 28.54 1.77
C VAL E 22 -21.18 27.05 1.73
N ALA E 23 -22.17 26.63 0.95
CA ALA E 23 -22.47 25.20 0.84
C ALA E 23 -21.26 24.44 0.33
N GLY E 24 -20.73 24.85 -0.82
CA GLY E 24 -19.59 24.14 -1.40
C GLY E 24 -18.39 24.11 -0.48
N ASN E 25 -18.06 25.24 0.14
CA ASN E 25 -16.85 25.31 0.95
C ASN E 25 -17.03 24.57 2.27
N VAL E 26 -18.23 24.55 2.84
CA VAL E 26 -18.46 23.76 4.03
C VAL E 26 -18.38 22.28 3.71
N LEU E 27 -18.88 21.88 2.54
CA LEU E 27 -18.70 20.50 2.10
C LEU E 27 -17.22 20.15 1.97
N VAL E 28 -16.45 21.06 1.38
CA VAL E 28 -15.01 20.83 1.21
C VAL E 28 -14.34 20.68 2.58
N CYS E 29 -14.67 21.58 3.51
CA CYS E 29 -14.07 21.52 4.84
C CYS E 29 -14.44 20.23 5.56
N ALA E 30 -15.70 19.81 5.46
CA ALA E 30 -16.11 18.57 6.11
C ALA E 30 -15.39 17.37 5.50
N ALA E 31 -15.24 17.37 4.17
CA ALA E 31 -14.54 16.27 3.52
C ALA E 31 -13.07 16.23 3.94
N VAL E 32 -12.46 17.40 4.12
CA VAL E 32 -11.05 17.43 4.53
C VAL E 32 -10.91 17.01 5.98
N GLY E 33 -11.87 17.36 6.82
CA GLY E 33 -11.80 17.05 8.23
C GLY E 33 -12.08 15.60 8.56
N THR E 34 -13.17 15.06 8.00
CA THR E 34 -13.53 13.67 8.28
C THR E 34 -12.47 12.72 7.74
N ALA E 35 -12.15 12.83 6.45
CA ALA E 35 -11.15 11.97 5.85
C ALA E 35 -9.79 12.19 6.50
N ASN E 36 -9.25 11.14 7.12
CA ASN E 36 -7.96 11.25 7.79
C ASN E 36 -6.81 11.26 6.78
N THR E 37 -6.93 10.49 5.70
CA THR E 37 -5.87 10.44 4.70
C THR E 37 -5.70 11.76 3.97
N LEU E 38 -6.69 12.66 4.06
CA LEU E 38 -6.62 13.97 3.43
C LEU E 38 -5.95 15.02 4.32
N GLN E 39 -5.24 14.60 5.36
CA GLN E 39 -4.54 15.53 6.25
C GLN E 39 -3.10 15.66 5.77
N THR E 40 -2.94 16.40 4.68
CA THR E 40 -1.65 16.65 4.03
C THR E 40 -1.47 18.13 3.79
N PRO E 41 -0.24 18.56 3.49
CA PRO E 41 -0.01 20.02 3.32
C PRO E 41 -0.85 20.64 2.22
N THR E 42 -0.87 20.02 1.03
CA THR E 42 -1.72 20.52 -0.04
C THR E 42 -3.17 20.57 0.40
N ASN E 43 -3.64 19.53 1.09
CA ASN E 43 -5.00 19.55 1.62
C ASN E 43 -5.16 20.60 2.71
N TYR E 44 -4.10 20.87 3.47
CA TYR E 44 -4.17 21.95 4.45
C TYR E 44 -4.41 23.29 3.77
N PHE E 45 -3.67 23.57 2.69
CA PHE E 45 -3.88 24.82 1.96
C PHE E 45 -5.27 24.85 1.32
N LEU E 46 -5.75 23.70 0.83
CA LEU E 46 -7.08 23.66 0.23
C LEU E 46 -8.16 23.94 1.26
N VAL E 47 -8.05 23.37 2.45
CA VAL E 47 -9.05 23.63 3.48
C VAL E 47 -8.92 25.06 4.00
N SER E 48 -7.71 25.63 3.97
CA SER E 48 -7.56 27.04 4.32
C SER E 48 -8.30 27.92 3.31
N LEU E 49 -8.14 27.63 2.02
CA LEU E 49 -8.91 28.34 1.01
C LEU E 49 -10.41 28.17 1.23
N ALA E 50 -10.83 26.96 1.58
CA ALA E 50 -12.24 26.70 1.82
C ALA E 50 -12.76 27.51 3.00
N ALA E 51 -11.97 27.60 4.07
CA ALA E 51 -12.39 28.37 5.23
C ALA E 51 -12.42 29.86 4.91
N ALA E 52 -11.46 30.34 4.12
CA ALA E 52 -11.49 31.74 3.69
C ALA E 52 -12.74 32.03 2.88
N ASP E 53 -13.12 31.11 1.98
CA ASP E 53 -14.32 31.30 1.19
C ASP E 53 -15.58 31.24 2.06
N VAL E 54 -15.56 30.38 3.09
CA VAL E 54 -16.68 30.32 4.02
C VAL E 54 -16.83 31.65 4.75
N ALA E 55 -15.71 32.20 5.22
CA ALA E 55 -15.76 33.50 5.89
C ALA E 55 -16.25 34.58 4.95
N VAL E 56 -15.82 34.55 3.69
CA VAL E 56 -16.31 35.49 2.69
C VAL E 56 -17.83 35.38 2.57
N GLY E 57 -18.33 34.18 2.30
CA GLY E 57 -19.76 34.00 2.10
C GLY E 57 -20.59 34.37 3.32
N LEU E 58 -20.07 34.10 4.51
CA LEU E 58 -20.82 34.35 5.74
C LEU E 58 -20.65 35.76 6.27
N PHE E 59 -19.52 36.41 5.98
CA PHE E 59 -19.22 37.73 6.51
C PHE E 59 -19.08 38.78 5.42
N ALA E 60 -18.28 38.53 4.38
CA ALA E 60 -18.03 39.55 3.37
C ALA E 60 -19.30 39.90 2.60
N ILE E 61 -20.10 38.89 2.26
CA ILE E 61 -21.28 39.09 1.41
C ILE E 61 -22.33 39.91 2.15
N PRO E 62 -22.71 39.57 3.38
CA PRO E 62 -23.70 40.40 4.07
C PRO E 62 -23.22 41.82 4.32
N PHE E 63 -21.93 42.00 4.62
CA PHE E 63 -21.40 43.35 4.80
C PHE E 63 -21.48 44.15 3.51
N ALA E 64 -21.07 43.55 2.40
CA ALA E 64 -21.17 44.23 1.12
C ALA E 64 -22.61 44.54 0.76
N ILE E 65 -23.55 43.66 1.13
CA ILE E 65 -24.96 43.91 0.86
C ILE E 65 -25.44 45.12 1.67
N THR E 66 -25.17 45.11 2.97
CA THR E 66 -25.55 46.25 3.80
C THR E 66 -24.93 47.55 3.30
N ILE E 67 -23.72 47.48 2.76
CA ILE E 67 -23.07 48.67 2.22
C ILE E 67 -23.79 49.14 0.96
N SER E 68 -24.07 48.22 0.05
CA SER E 68 -24.72 48.59 -1.21
C SER E 68 -26.13 49.12 -0.98
N LEU E 69 -26.81 48.65 0.06
CA LEU E 69 -28.16 49.12 0.33
C LEU E 69 -28.21 50.62 0.60
N GLY E 70 -27.08 51.23 0.95
CA GLY E 70 -27.03 52.66 1.14
C GLY E 70 -27.56 53.11 2.48
N PHE E 71 -26.94 52.63 3.56
CA PHE E 71 -27.32 53.04 4.91
C PHE E 71 -26.58 54.31 5.31
N CYS E 72 -27.04 54.94 6.38
CA CYS E 72 -26.46 56.16 6.92
C CYS E 72 -25.84 55.92 8.29
N THR E 73 -25.21 54.76 8.45
CA THR E 73 -24.57 54.43 9.73
C THR E 73 -23.37 55.34 9.97
N ASP E 74 -22.75 55.19 11.14
CA ASP E 74 -21.60 56.00 11.49
C ASP E 74 -20.44 55.74 10.52
N PHE E 75 -19.48 56.67 10.52
CA PHE E 75 -18.34 56.57 9.64
C PHE E 75 -17.54 55.30 9.92
N TYR E 76 -17.01 55.19 11.15
CA TYR E 76 -16.23 54.01 11.50
C TYR E 76 -17.06 52.73 11.44
N GLY E 77 -18.37 52.83 11.68
CA GLY E 77 -19.20 51.65 11.59
C GLY E 77 -19.20 51.04 10.20
N CYS E 78 -19.29 51.89 9.17
CA CYS E 78 -19.24 51.42 7.79
C CYS E 78 -17.81 51.05 7.39
N LEU E 79 -16.82 51.82 7.86
CA LEU E 79 -15.44 51.51 7.54
C LEU E 79 -15.05 50.13 8.09
N PHE E 80 -15.57 49.75 9.25
CA PHE E 80 -15.27 48.44 9.82
C PHE E 80 -15.76 47.33 8.91
N LEU E 81 -17.00 47.42 8.46
CA LEU E 81 -17.54 46.40 7.55
C LEU E 81 -16.77 46.36 6.24
N ALA E 82 -16.43 47.53 5.69
CA ALA E 82 -15.68 47.56 4.44
C ALA E 82 -14.31 46.92 4.61
N CYS E 83 -13.62 47.25 5.70
CA CYS E 83 -12.29 46.69 5.94
C CYS E 83 -12.36 45.20 6.20
N PHE E 84 -13.45 44.73 6.81
CA PHE E 84 -13.61 43.28 7.00
C PHE E 84 -13.83 42.58 5.66
N VAL E 85 -14.63 43.17 4.78
CA VAL E 85 -14.80 42.63 3.44
C VAL E 85 -13.47 42.55 2.73
N LEU E 86 -12.65 43.61 2.85
CA LEU E 86 -11.36 43.63 2.20
C LEU E 86 -10.42 42.58 2.79
N VAL E 87 -10.44 42.42 4.11
CA VAL E 87 -9.62 41.39 4.75
C VAL E 87 -10.01 40.01 4.22
N LEU E 88 -11.31 39.75 4.11
CA LEU E 88 -11.75 38.44 3.65
C LEU E 88 -11.37 38.20 2.19
N THR E 89 -11.54 39.22 1.34
CA THR E 89 -11.15 39.06 -0.06
C THR E 89 -9.65 38.81 -0.18
N GLN E 90 -8.84 39.56 0.58
CA GLN E 90 -7.40 39.37 0.53
C GLN E 90 -6.99 38.02 1.09
N SER E 91 -7.71 37.52 2.10
CA SER E 91 -7.42 36.20 2.63
C SER E 91 -7.71 35.13 1.60
N SER E 92 -8.83 35.26 0.88
CA SER E 92 -9.14 34.31 -0.20
C SER E 92 -8.06 34.37 -1.29
N ILE E 93 -7.64 35.58 -1.66
CA ILE E 93 -6.62 35.71 -2.70
C ILE E 93 -5.31 35.07 -2.25
N PHE E 94 -4.93 35.29 -0.98
CA PHE E 94 -3.69 34.73 -0.48
C PHE E 94 -3.77 33.21 -0.35
N SER E 95 -4.94 32.67 0.00
CA SER E 95 -5.09 31.23 0.04
C SER E 95 -4.97 30.63 -1.36
N LEU E 96 -5.57 31.29 -2.36
CA LEU E 96 -5.40 30.84 -3.73
C LEU E 96 -3.93 30.88 -4.15
N LEU E 97 -3.24 31.97 -3.82
CA LEU E 97 -1.83 32.09 -4.13
C LEU E 97 -1.02 30.99 -3.45
N ALA E 98 -1.38 30.66 -2.21
CA ALA E 98 -0.65 29.62 -1.49
C ALA E 98 -0.88 28.25 -2.10
N VAL E 99 -2.11 27.95 -2.52
CA VAL E 99 -2.38 26.70 -3.21
C VAL E 99 -1.59 26.63 -4.50
N ALA E 100 -1.53 27.74 -5.24
CA ALA E 100 -0.78 27.77 -6.48
C ALA E 100 0.71 27.54 -6.22
N VAL E 101 1.26 28.18 -5.19
CA VAL E 101 2.68 28.02 -4.88
C VAL E 101 2.96 26.59 -4.42
N ASP E 102 2.03 25.98 -3.69
CA ASP E 102 2.21 24.59 -3.27
C ASP E 102 2.24 23.68 -4.48
N ARG E 103 1.31 23.86 -5.41
CA ARG E 103 1.32 23.06 -6.64
C ARG E 103 2.60 23.28 -7.42
N TYR E 104 3.10 24.52 -7.45
CA TYR E 104 4.34 24.81 -8.16
C TYR E 104 5.51 24.08 -7.53
N LEU E 105 5.65 24.19 -6.20
CA LEU E 105 6.73 23.50 -5.52
C LEU E 105 6.62 21.99 -5.68
N ALA E 106 5.40 21.48 -5.79
CA ALA E 106 5.22 20.04 -5.94
C ALA E 106 5.61 19.58 -7.34
N ILE E 107 5.24 20.33 -8.36
CA ILE E 107 5.49 19.91 -9.75
C ILE E 107 6.94 20.19 -10.14
N CYS E 108 7.36 21.45 -10.03
CA CYS E 108 8.71 21.81 -10.46
C CYS E 108 9.77 21.28 -9.52
N VAL E 109 9.47 21.20 -8.22
CA VAL E 109 10.42 20.71 -7.22
C VAL E 109 9.81 19.50 -6.54
N PRO E 110 9.66 18.37 -7.24
CA PRO E 110 8.96 17.24 -6.63
C PRO E 110 9.74 16.57 -5.51
N LEU E 111 11.07 16.51 -5.63
CA LEU E 111 11.88 15.84 -4.62
C LEU E 111 11.80 16.55 -3.28
N ARG E 112 12.19 17.82 -3.24
CA ARG E 112 12.22 18.59 -2.00
C ARG E 112 10.83 19.05 -1.55
N TYR E 113 9.77 18.63 -2.24
CA TYR E 113 8.43 19.06 -1.85
C TYR E 113 8.08 18.57 -0.46
N LYS E 114 8.16 17.25 -0.23
CA LYS E 114 7.81 16.69 1.06
C LYS E 114 8.67 17.25 2.19
N SER E 115 9.87 17.74 1.88
CA SER E 115 10.78 18.25 2.90
C SER E 115 10.53 19.72 3.22
N LEU E 116 10.27 20.54 2.20
CA LEU E 116 10.04 21.97 2.40
C LEU E 116 8.57 22.31 2.66
N VAL E 117 7.67 21.33 2.59
CA VAL E 117 6.24 21.56 2.82
C VAL E 117 5.77 20.45 3.77
N THR E 118 5.58 20.81 5.04
CA THR E 118 5.14 19.87 6.06
C THR E 118 3.94 20.46 6.79
N GLY E 119 3.43 19.71 7.76
CA GLY E 119 2.27 20.18 8.52
C GLY E 119 2.57 21.45 9.29
N THR E 120 3.68 21.46 10.04
CA THR E 120 4.04 22.64 10.81
C THR E 120 4.29 23.83 9.89
N ARG E 121 5.06 23.63 8.82
CA ARG E 121 5.31 24.71 7.87
C ARG E 121 4.01 25.16 7.22
N ALA E 122 3.13 24.21 6.89
CA ALA E 122 1.86 24.55 6.28
C ALA E 122 1.03 25.45 7.18
N ARG E 123 0.87 25.06 8.45
CA ARG E 123 0.07 25.87 9.36
C ARG E 123 0.74 27.22 9.63
N GLY E 124 2.07 27.25 9.70
CA GLY E 124 2.76 28.52 9.87
C GLY E 124 2.52 29.47 8.71
N VAL E 125 2.61 28.95 7.49
CA VAL E 125 2.37 29.78 6.31
C VAL E 125 0.92 30.24 6.28
N ILE E 126 0.00 29.36 6.67
CA ILE E 126 -1.42 29.74 6.69
C ILE E 126 -1.64 30.87 7.68
N ALA E 127 -1.07 30.77 8.88
CA ALA E 127 -1.22 31.82 9.87
C ALA E 127 -0.58 33.12 9.38
N VAL E 128 0.58 33.04 8.74
CA VAL E 128 1.23 34.24 8.23
C VAL E 128 0.37 34.90 7.17
N LEU E 129 -0.25 34.10 6.29
CA LEU E 129 -1.10 34.66 5.25
C LEU E 129 -2.35 35.29 5.84
N TRP E 130 -2.93 34.66 6.87
CA TRP E 130 -4.10 35.25 7.51
C TRP E 130 -3.74 36.58 8.19
N VAL E 131 -2.58 36.64 8.85
CA VAL E 131 -2.15 37.88 9.49
C VAL E 131 -1.91 38.95 8.42
N LEU E 132 -1.29 38.57 7.31
CA LEU E 132 -1.05 39.53 6.23
C LEU E 132 -2.36 40.07 5.69
N ALA E 133 -3.35 39.19 5.50
CA ALA E 133 -4.65 39.64 5.01
C ALA E 133 -5.31 40.59 6.00
N PHE E 134 -5.29 40.25 7.28
CA PHE E 134 -5.90 41.12 8.28
C PHE E 134 -5.20 42.47 8.33
N GLY E 135 -3.88 42.48 8.14
CA GLY E 135 -3.15 43.75 8.15
C GLY E 135 -3.42 44.59 6.92
N ILE E 136 -3.52 43.95 5.75
CA ILE E 136 -3.75 44.69 4.52
C ILE E 136 -5.16 45.26 4.50
N GLY E 137 -6.17 44.42 4.77
CA GLY E 137 -7.54 44.89 4.73
C GLY E 137 -7.83 45.95 5.78
N LEU E 138 -7.29 45.76 6.99
CA LEU E 138 -7.48 46.72 8.07
C LEU E 138 -6.50 47.89 7.99
N THR E 139 -5.76 48.02 6.89
CA THR E 139 -4.79 49.12 6.77
C THR E 139 -5.47 50.48 6.79
N PRO E 140 -6.47 50.76 5.94
CA PRO E 140 -7.10 52.08 5.98
C PRO E 140 -7.93 52.33 7.23
N PHE E 141 -8.29 51.28 7.97
CA PHE E 141 -9.04 51.48 9.21
C PHE E 141 -8.25 52.34 10.19
N LEU E 142 -6.92 52.27 10.15
CA LEU E 142 -6.06 53.04 11.03
C LEU E 142 -5.07 53.91 10.28
N GLY E 143 -4.63 53.50 9.10
CA GLY E 143 -3.67 54.25 8.33
C GLY E 143 -4.26 54.86 7.07
N TRP E 144 -5.47 55.39 7.18
CA TRP E 144 -6.15 56.01 6.05
C TRP E 144 -5.29 57.14 5.50
N ASN E 145 -4.80 56.99 4.28
CA ASN E 145 -3.97 57.99 3.64
C ASN E 145 -4.81 59.17 3.16
N VAL E 169 -21.33 59.90 6.02
CA VAL E 169 -22.32 59.08 6.72
C VAL E 169 -22.91 58.05 5.77
N LYS E 170 -22.96 58.38 4.48
CA LYS E 170 -23.49 57.46 3.49
C LYS E 170 -22.57 56.26 3.33
N CYS E 171 -23.07 55.08 3.66
CA CYS E 171 -22.29 53.84 3.56
C CYS E 171 -22.53 53.27 2.16
N LEU E 172 -21.66 53.66 1.21
CA LEU E 172 -21.79 53.22 -0.19
C LEU E 172 -20.47 52.65 -0.71
N PHE E 173 -19.52 52.34 0.18
CA PHE E 173 -18.18 51.85 -0.21
C PHE E 173 -17.24 52.85 -0.85
N GLU E 174 -17.54 53.35 -2.05
CA GLU E 174 -16.67 54.37 -2.71
C GLU E 174 -16.50 55.52 -1.72
N ASN E 175 -17.51 55.75 -0.88
CA ASN E 175 -17.47 56.80 0.15
C ASN E 175 -16.51 56.43 1.27
N VAL E 176 -16.70 55.26 1.88
CA VAL E 176 -15.88 54.87 3.06
C VAL E 176 -14.47 54.43 2.67
N VAL E 177 -14.32 53.68 1.59
CA VAL E 177 -13.01 53.23 1.08
C VAL E 177 -12.77 54.00 -0.21
N PRO E 178 -11.71 54.84 -0.30
CA PRO E 178 -11.40 55.49 -1.58
C PRO E 178 -10.65 54.57 -2.54
N MET E 179 -10.64 54.94 -3.82
CA MET E 179 -10.05 54.03 -4.81
C MET E 179 -8.57 54.10 -4.70
N SER E 180 -8.05 55.08 -3.99
CA SER E 180 -6.61 55.13 -3.79
C SER E 180 -6.10 53.81 -3.21
N TYR E 181 -6.70 53.36 -2.11
CA TYR E 181 -6.31 52.09 -1.52
C TYR E 181 -6.72 50.92 -2.40
N MET E 182 -7.90 51.00 -3.02
CA MET E 182 -8.41 49.91 -3.83
C MET E 182 -7.58 49.67 -5.09
N VAL E 183 -6.71 50.60 -5.47
CA VAL E 183 -5.92 50.46 -6.69
C VAL E 183 -4.44 50.43 -6.34
N TYR E 184 -3.93 51.52 -5.76
CA TYR E 184 -2.49 51.61 -5.52
C TYR E 184 -2.03 50.54 -4.54
N PHE E 185 -2.74 50.36 -3.44
CA PHE E 185 -2.35 49.43 -2.39
C PHE E 185 -3.03 48.07 -2.53
N ASN E 186 -4.33 48.05 -2.83
CA ASN E 186 -5.05 46.79 -2.94
C ASN E 186 -4.75 46.10 -4.26
N PHE E 187 -5.09 46.74 -5.38
CA PHE E 187 -4.96 46.10 -6.68
C PHE E 187 -3.50 45.77 -6.99
N PHE E 188 -2.66 46.79 -7.09
CA PHE E 188 -1.27 46.59 -7.46
C PHE E 188 -0.39 46.14 -6.29
N GLY E 189 -0.97 45.85 -5.14
CA GLY E 189 -0.20 45.43 -3.98
C GLY E 189 -0.49 44.02 -3.51
N CYS E 190 -1.74 43.57 -3.67
CA CYS E 190 -2.11 42.23 -3.21
C CYS E 190 -3.08 41.52 -4.16
N VAL E 191 -3.29 42.02 -5.37
CA VAL E 191 -4.15 41.37 -6.34
C VAL E 191 -3.38 41.15 -7.64
N LEU E 192 -2.80 42.24 -8.18
CA LEU E 192 -2.03 42.11 -9.42
C LEU E 192 -0.72 41.37 -9.20
N PRO E 193 0.07 41.66 -8.18
CA PRO E 193 1.28 40.87 -7.93
C PRO E 193 0.95 39.39 -7.83
N PRO E 194 0.02 38.98 -6.95
CA PRO E 194 -0.31 37.56 -6.88
C PRO E 194 -0.97 37.05 -8.16
N LEU E 195 -1.72 37.88 -8.86
CA LEU E 195 -2.27 37.46 -10.15
C LEU E 195 -1.17 37.03 -11.11
N LEU E 196 -0.16 37.89 -11.28
CA LEU E 196 0.95 37.56 -12.17
C LEU E 196 1.76 36.39 -11.63
N ILE E 197 1.89 36.28 -10.31
CA ILE E 197 2.62 35.14 -9.73
C ILE E 197 1.91 33.83 -10.09
N MET E 198 0.59 33.79 -9.91
CA MET E 198 -0.16 32.59 -10.28
C MET E 198 -0.09 32.34 -11.78
N LEU E 199 -0.11 33.41 -12.58
CA LEU E 199 0.01 33.25 -14.02
C LEU E 199 1.32 32.56 -14.38
N VAL E 200 2.43 33.05 -13.85
CA VAL E 200 3.74 32.46 -14.15
C VAL E 200 3.80 31.04 -13.60
N ILE E 201 3.20 30.81 -12.43
CA ILE E 201 3.20 29.46 -11.85
C ILE E 201 2.52 28.48 -12.80
N TYR E 202 1.31 28.82 -13.24
CA TYR E 202 0.58 27.90 -14.11
C TYR E 202 1.23 27.80 -15.49
N ILE E 203 1.92 28.85 -15.94
CA ILE E 203 2.65 28.76 -17.20
C ILE E 203 3.79 27.76 -17.08
N LYS E 204 4.56 27.84 -15.99
CA LYS E 204 5.63 26.87 -15.76
C LYS E 204 5.07 25.47 -15.62
N ILE E 205 3.91 25.34 -14.96
CA ILE E 205 3.31 24.02 -14.79
C ILE E 205 2.88 23.45 -16.15
N PHE E 206 2.32 24.30 -17.02
CA PHE E 206 1.98 23.86 -18.36
C PHE E 206 3.22 23.44 -19.14
N LEU E 207 4.30 24.21 -19.03
CA LEU E 207 5.53 23.83 -19.70
C LEU E 207 6.05 22.48 -19.20
N VAL E 208 5.99 22.26 -17.89
CA VAL E 208 6.44 20.99 -17.32
C VAL E 208 5.56 19.84 -17.82
N ALA E 209 4.24 20.05 -17.84
CA ALA E 209 3.34 19.01 -18.32
C ALA E 209 3.59 18.69 -19.78
N CYS E 210 3.90 19.71 -20.59
CA CYS E 210 4.21 19.48 -22.00
C CYS E 210 5.52 18.71 -22.15
N ARG E 211 6.53 19.08 -21.37
CA ARG E 211 7.80 18.37 -21.42
C ARG E 211 7.64 16.92 -20.99
N GLN E 212 6.74 16.64 -20.04
CA GLN E 212 6.53 15.27 -19.59
C GLN E 212 5.65 14.48 -20.55
N LEU E 213 4.75 15.14 -21.27
CA LEU E 213 3.89 14.43 -22.20
C LEU E 213 4.65 13.90 -23.40
N GLN E 214 5.64 14.66 -23.88
CA GLN E 214 6.47 14.19 -24.99
C GLN E 214 7.38 13.04 -24.59
N ARG E 215 7.48 12.74 -23.30
CA ARG E 215 8.27 11.60 -22.83
C ARG E 215 7.43 10.34 -22.65
N THR E 216 6.16 10.48 -22.25
CA THR E 216 5.27 9.34 -22.10
C THR E 216 4.74 8.98 -23.49
N GLU E 217 5.52 8.18 -24.21
CA GLU E 217 5.15 7.77 -25.56
C GLU E 217 4.23 6.55 -25.47
N LEU E 218 2.93 6.80 -25.55
CA LEU E 218 1.94 5.73 -25.48
C LEU E 218 1.73 5.10 -26.85
N THR E 224 -3.62 9.85 -28.25
CA THR E 224 -3.00 10.98 -28.95
C THR E 224 -2.41 11.97 -27.95
N THR E 225 -1.10 12.19 -28.04
CA THR E 225 -0.44 13.12 -27.12
C THR E 225 -1.05 14.52 -27.22
N LEU E 226 -1.46 14.92 -28.42
CA LEU E 226 -2.05 16.24 -28.59
C LEU E 226 -3.32 16.41 -27.76
N GLN E 227 -4.12 15.35 -27.68
CA GLN E 227 -5.38 15.44 -26.92
C GLN E 227 -5.10 15.68 -25.44
N ARG E 228 -4.19 14.90 -24.85
CA ARG E 228 -3.89 15.08 -23.43
C ARG E 228 -3.20 16.41 -23.18
N GLU E 229 -2.33 16.85 -24.10
CA GLU E 229 -1.71 18.16 -23.95
C GLU E 229 -2.76 19.25 -23.96
N ILE E 230 -3.72 19.18 -24.88
CA ILE E 230 -4.78 20.18 -24.93
C ILE E 230 -5.65 20.10 -23.69
N HIS E 231 -5.87 18.90 -23.14
CA HIS E 231 -6.68 18.79 -21.93
C HIS E 231 -5.98 19.44 -20.74
N ALA E 232 -4.69 19.19 -20.58
CA ALA E 232 -3.95 19.82 -19.49
C ALA E 232 -3.89 21.33 -19.66
N ALA E 233 -3.64 21.79 -20.89
CA ALA E 233 -3.64 23.22 -21.15
C ALA E 233 -5.00 23.84 -20.86
N LYS E 234 -6.08 23.12 -21.19
CA LYS E 234 -7.42 23.62 -20.92
C LYS E 234 -7.66 23.73 -19.42
N SER E 235 -7.24 22.73 -18.65
CA SER E 235 -7.40 22.80 -17.20
C SER E 235 -6.65 24.00 -16.61
N LEU E 236 -5.37 24.15 -17.00
CA LEU E 236 -4.57 25.24 -16.44
C LEU E 236 -5.13 26.60 -16.86
N ALA E 237 -5.60 26.70 -18.10
CA ALA E 237 -6.21 27.95 -18.56
C ALA E 237 -7.41 28.35 -17.70
N MET E 238 -8.03 27.35 -17.09
CA MET E 238 -9.21 27.62 -16.32
C MET E 238 -8.76 28.21 -15.02
N ILE E 239 -7.91 27.52 -14.28
CA ILE E 239 -7.53 28.01 -12.95
C ILE E 239 -7.00 29.45 -12.92
N VAL E 240 -6.40 29.94 -14.00
CA VAL E 240 -5.98 31.34 -14.02
C VAL E 240 -6.95 32.26 -14.76
N GLY E 241 -7.63 31.76 -15.79
CA GLY E 241 -8.62 32.57 -16.49
C GLY E 241 -9.78 32.80 -15.55
N ILE E 242 -10.19 31.78 -14.83
CA ILE E 242 -11.22 31.91 -13.81
C ILE E 242 -10.77 32.91 -12.75
N PHE E 243 -9.56 32.71 -12.21
CA PHE E 243 -9.01 33.70 -11.28
C PHE E 243 -9.08 35.10 -11.86
N ALA E 244 -8.69 35.24 -13.13
CA ALA E 244 -8.70 36.54 -13.80
C ALA E 244 -10.11 37.11 -13.89
N LEU E 245 -10.98 36.46 -14.67
CA LEU E 245 -12.36 36.93 -14.81
C LEU E 245 -13.03 37.17 -13.47
N CYS E 246 -12.52 36.58 -12.39
CA CYS E 246 -13.09 36.82 -11.07
C CYS E 246 -12.57 38.10 -10.44
N TRP E 247 -11.25 38.29 -10.42
CA TRP E 247 -10.69 39.44 -9.67
C TRP E 247 -10.48 40.69 -10.54
N LEU E 248 -10.20 40.54 -11.83
CA LEU E 248 -9.96 41.71 -12.67
C LEU E 248 -11.16 42.64 -12.81
N PRO E 249 -12.44 42.15 -12.88
CA PRO E 249 -13.50 43.17 -13.04
C PRO E 249 -13.51 44.29 -12.03
N VAL E 250 -13.73 44.00 -10.76
CA VAL E 250 -13.86 45.08 -9.79
C VAL E 250 -12.60 45.94 -9.71
N HIS E 251 -11.43 45.34 -9.86
CA HIS E 251 -10.21 46.10 -9.70
C HIS E 251 -9.95 46.97 -10.93
N ALA E 252 -10.35 46.50 -12.10
CA ALA E 252 -10.24 47.33 -13.31
C ALA E 252 -11.27 48.46 -13.29
N VAL E 253 -12.46 48.19 -12.76
CA VAL E 253 -13.45 49.27 -12.60
C VAL E 253 -12.88 50.36 -11.71
N ASN E 254 -12.31 49.96 -10.56
CA ASN E 254 -11.70 50.95 -9.66
C ASN E 254 -10.55 51.68 -10.33
N CYS E 255 -9.74 50.95 -11.11
CA CYS E 255 -8.60 51.58 -11.78
C CYS E 255 -9.07 52.63 -12.80
N VAL E 256 -10.10 52.32 -13.57
CA VAL E 256 -10.58 53.27 -14.56
C VAL E 256 -11.29 54.43 -13.89
N THR E 257 -11.90 54.19 -12.72
CA THR E 257 -12.53 55.29 -11.99
C THR E 257 -11.50 56.21 -11.34
N LEU E 258 -10.36 55.67 -10.95
CA LEU E 258 -9.34 56.47 -10.28
C LEU E 258 -8.46 57.21 -11.28
N PHE E 259 -7.84 56.47 -12.20
CA PHE E 259 -6.92 57.09 -13.16
C PHE E 259 -7.69 57.93 -14.18
N GLN E 260 -8.87 57.48 -14.59
CA GLN E 260 -9.69 58.16 -15.59
C GLN E 260 -11.03 58.54 -14.97
N PRO E 261 -11.04 59.52 -14.06
CA PRO E 261 -12.31 59.95 -13.46
C PRO E 261 -13.12 60.82 -14.42
N ALA E 262 -14.27 61.32 -13.94
CA ALA E 262 -15.18 62.18 -14.69
C ALA E 262 -15.97 61.42 -15.74
N GLN E 263 -15.75 60.11 -15.89
CA GLN E 263 -16.50 59.34 -16.89
C GLN E 263 -17.99 59.28 -16.57
N GLY E 264 -18.38 59.68 -15.35
CA GLY E 264 -19.77 59.65 -14.95
C GLY E 264 -20.34 58.27 -14.66
N LYS E 265 -19.67 57.20 -15.10
CA LYS E 265 -20.12 55.84 -14.87
C LYS E 265 -21.59 55.68 -15.28
N ASN E 266 -21.81 55.90 -16.57
CA ASN E 266 -23.16 55.84 -17.16
C ASN E 266 -23.95 54.65 -16.65
N LYS E 267 -23.30 53.48 -16.55
CA LYS E 267 -23.94 52.26 -16.09
C LYS E 267 -23.27 51.79 -14.80
N PRO E 268 -23.27 52.61 -13.76
CA PRO E 268 -22.67 52.20 -12.49
C PRO E 268 -23.41 51.01 -11.88
N LYS E 269 -24.71 51.16 -11.67
CA LYS E 269 -25.55 50.14 -11.05
C LYS E 269 -25.62 48.85 -11.86
N TRP E 270 -24.98 48.80 -13.03
CA TRP E 270 -24.81 47.57 -13.80
C TRP E 270 -23.35 47.15 -13.89
N ALA E 271 -22.46 48.09 -14.24
CA ALA E 271 -21.05 47.77 -14.34
C ALA E 271 -20.49 47.29 -13.02
N MET E 272 -20.52 48.14 -11.99
CA MET E 272 -20.01 47.73 -10.68
C MET E 272 -20.85 46.60 -10.11
N ASN E 273 -22.14 46.58 -10.44
CA ASN E 273 -23.00 45.47 -10.05
C ASN E 273 -22.38 44.14 -10.46
N MET E 274 -22.18 43.94 -11.76
CA MET E 274 -21.61 42.69 -12.25
C MET E 274 -20.18 42.49 -11.77
N ALA E 275 -19.42 43.57 -11.64
CA ALA E 275 -18.04 43.45 -11.16
C ALA E 275 -18.00 42.81 -9.77
N ILE E 276 -18.75 43.40 -8.82
CA ILE E 276 -18.77 42.86 -7.48
C ILE E 276 -19.44 41.49 -7.44
N LEU E 277 -20.43 41.27 -8.33
CA LEU E 277 -21.07 39.96 -8.38
C LEU E 277 -20.07 38.88 -8.74
N LEU E 278 -19.21 39.13 -9.73
CA LEU E 278 -18.18 38.15 -10.08
C LEU E 278 -17.12 38.05 -9.00
N SER E 279 -16.74 39.19 -8.41
CA SER E 279 -15.75 39.16 -7.32
C SER E 279 -16.23 38.30 -6.17
N HIS E 280 -17.54 38.28 -5.90
CA HIS E 280 -18.09 37.45 -4.84
C HIS E 280 -18.33 36.02 -5.28
N ALA E 281 -18.77 35.80 -6.52
CA ALA E 281 -18.90 34.45 -7.06
C ALA E 281 -17.57 33.73 -7.12
N ASN E 282 -16.46 34.47 -7.11
CA ASN E 282 -15.14 33.85 -6.99
C ASN E 282 -15.11 32.87 -5.83
N SER E 283 -15.80 33.21 -4.73
CA SER E 283 -15.79 32.34 -3.56
C SER E 283 -16.32 30.95 -3.90
N VAL E 284 -17.45 30.87 -4.59
CA VAL E 284 -18.01 29.58 -4.95
C VAL E 284 -17.23 28.94 -6.09
N VAL E 285 -16.61 29.75 -6.95
CA VAL E 285 -15.91 29.19 -8.10
C VAL E 285 -14.59 28.57 -7.68
N ASN E 286 -13.97 29.06 -6.61
CA ASN E 286 -12.67 28.54 -6.19
C ASN E 286 -12.72 27.05 -5.87
N PRO E 287 -13.56 26.57 -4.95
CA PRO E 287 -13.50 25.15 -4.60
C PRO E 287 -13.85 24.22 -5.76
N ILE E 288 -14.87 24.56 -6.55
CA ILE E 288 -15.27 23.70 -7.65
C ILE E 288 -14.15 23.55 -8.68
N VAL E 289 -13.23 24.51 -8.75
CA VAL E 289 -12.13 24.44 -9.70
C VAL E 289 -10.89 23.82 -9.08
N TYR E 290 -10.67 24.04 -7.78
CA TYR E 290 -9.49 23.53 -7.09
C TYR E 290 -9.78 22.25 -6.33
N ALA E 291 -10.76 22.28 -5.43
CA ALA E 291 -11.01 21.13 -4.56
C ALA E 291 -11.61 19.96 -5.34
N TYR E 292 -12.75 20.20 -5.97
CA TYR E 292 -13.45 19.12 -6.66
C TYR E 292 -12.67 18.51 -7.81
N ARG E 293 -11.63 19.17 -8.27
CA ARG E 293 -10.90 18.67 -9.43
C ARG E 293 -9.67 17.86 -9.08
N ASN E 294 -9.46 17.59 -7.80
CA ASN E 294 -8.35 16.75 -7.37
C ASN E 294 -8.80 15.30 -7.26
N ARG E 295 -7.86 14.38 -7.52
CA ARG E 295 -8.19 12.96 -7.43
C ARG E 295 -8.50 12.54 -6.01
N ASP E 296 -7.74 13.05 -5.04
CA ASP E 296 -7.97 12.68 -3.64
C ASP E 296 -9.33 13.17 -3.17
N PHE E 297 -9.72 14.38 -3.57
CA PHE E 297 -11.02 14.90 -3.16
C PHE E 297 -12.16 14.08 -3.78
N ARG E 298 -12.03 13.72 -5.05
CA ARG E 298 -13.06 12.90 -5.68
C ARG E 298 -13.14 11.52 -5.03
N TYR E 299 -11.99 10.94 -4.68
CA TYR E 299 -11.99 9.66 -3.99
C TYR E 299 -12.67 9.76 -2.63
N THR E 300 -12.38 10.84 -1.89
CA THR E 300 -13.02 11.04 -0.60
C THR E 300 -14.53 11.20 -0.75
N PHE E 301 -14.96 11.98 -1.74
CA PHE E 301 -16.39 12.16 -1.96
C PHE E 301 -17.07 10.84 -2.33
N HIS E 302 -16.43 10.05 -3.19
CA HIS E 302 -16.99 8.76 -3.56
C HIS E 302 -17.10 7.85 -2.33
N LYS E 303 -16.05 7.81 -1.52
CA LYS E 303 -16.09 6.97 -0.32
C LYS E 303 -17.17 7.43 0.64
N ILE E 304 -17.36 8.75 0.77
CA ILE E 304 -18.36 9.26 1.70
C ILE E 304 -19.76 8.94 1.21
N ILE E 305 -20.02 9.13 -0.09
CA ILE E 305 -21.34 8.82 -0.61
C ILE E 305 -21.60 7.32 -0.63
N SER E 306 -20.55 6.50 -0.66
CA SER E 306 -20.73 5.05 -0.54
C SER E 306 -21.04 4.66 0.90
N ARG E 307 -20.33 5.24 1.86
CA ARG E 307 -20.65 5.02 3.27
C ARG E 307 -22.10 5.42 3.56
N TYR E 308 -22.50 6.59 3.09
CA TYR E 308 -23.89 7.01 3.25
C TYR E 308 -24.81 6.24 2.32
N LEU E 309 -24.37 6.00 1.08
CA LEU E 309 -25.15 5.25 0.11
C LEU E 309 -26.51 5.89 -0.12
O5' ADN F . -12.15 43.96 -4.33
C5' ADN F . -12.29 43.61 -2.95
C4' ADN F . -13.75 43.81 -2.55
O4' ADN F . -14.02 45.20 -2.41
C3' ADN F . -14.70 43.29 -3.60
O3' ADN F . -15.15 41.97 -3.29
C2' ADN F . -15.84 44.27 -3.60
O2' ADN F . -16.89 43.85 -2.72
C1' ADN F . -15.28 45.53 -2.97
N9 ADN F . -15.15 46.56 -4.01
C8 ADN F . -14.14 46.72 -4.86
N7 ADN F . -14.34 47.78 -5.68
C5 ADN F . -15.53 48.32 -5.38
C6 ADN F . -16.35 49.45 -5.88
N6 ADN F . -16.01 50.28 -6.88
N1 ADN F . -17.52 49.64 -5.26
C2 ADN F . -17.88 48.83 -4.28
N3 ADN F . -17.22 47.79 -3.77
C4 ADN F . -16.04 47.49 -4.29
C1 CLR G . -14.98 21.49 -13.00
C2 CLR G . -15.65 20.14 -13.22
C3 CLR G . -14.95 19.30 -14.28
C4 CLR G . -14.57 20.14 -15.50
C5 CLR G . -15.26 21.47 -15.44
C6 CLR G . -16.10 21.84 -16.44
C7 CLR G . -16.75 23.20 -16.54
C8 CLR G . -16.20 24.14 -15.46
C9 CLR G . -16.10 23.37 -14.15
C10 CLR G . -15.00 22.34 -14.25
C11 CLR G . -15.85 24.30 -12.98
C12 CLR G . -16.87 25.43 -12.87
C13 CLR G . -16.78 26.25 -14.15
C14 CLR G . -17.12 25.35 -15.32
C15 CLR G . -17.18 26.31 -16.51
C16 CLR G . -17.74 27.59 -15.88
C17 CLR G . -17.81 27.34 -14.37
C18 CLR G . -15.39 26.84 -14.30
C19 CLR G . -13.65 23.06 -14.43
C20 CLR G . -17.62 28.60 -13.53
C21 CLR G . -18.65 28.66 -12.42
C22 CLR G . -17.71 29.86 -14.39
C23 CLR G . -18.12 31.05 -13.53
C24 CLR G . -17.13 32.20 -13.67
C25 CLR G . -17.63 33.45 -12.94
C26 CLR G . -18.95 33.17 -12.25
C27 CLR G . -16.59 33.97 -11.96
O1 CLR G . -13.76 18.72 -13.72
C1 CLR H . -6.07 20.97 10.94
C2 CLR H . -5.00 19.93 10.64
C3 CLR H . -5.65 18.60 10.31
C4 CLR H . -6.41 18.77 9.00
C5 CLR H . -7.38 19.93 9.08
C6 CLR H . -8.58 19.77 8.51
C7 CLR H . -9.79 20.55 8.94
C8 CLR H . -9.36 21.97 9.26
C9 CLR H . -8.20 21.99 10.25
C10 CLR H . -6.98 21.23 9.74
C11 CLR H . -7.83 23.42 10.62
C12 CLR H . -9.01 24.28 11.08
C13 CLR H . -10.16 24.21 10.08
C14 CLR H . -10.51 22.76 9.87
C15 CLR H . -11.84 22.78 9.12
C16 CLR H . -12.51 24.05 9.62
C17 CLR H . -11.51 24.75 10.53
C18 CLR H . -9.78 24.88 8.76
C19 CLR H . -6.24 22.09 8.72
C20 CLR H . -11.64 26.26 10.51
C21 CLR H . -11.68 26.82 11.93
C22 CLR H . -12.90 26.71 9.77
C23 CLR H . -13.35 28.06 10.29
C24 CLR H . -14.59 28.55 9.55
C25 CLR H . -14.75 30.05 9.76
C26 CLR H . -13.98 30.81 8.69
C27 CLR H . -16.21 30.47 9.78
O1 CLR H . -4.65 17.60 10.16
C1 CLR I . -11.39 25.17 -20.18
C2 CLR I . -11.73 23.72 -19.88
C3 CLR I . -11.90 23.54 -18.38
C4 CLR I . -13.19 24.26 -18.03
C5 CLR I . -13.12 25.70 -18.43
C6 CLR I . -13.69 26.59 -17.62
C7 CLR I . -13.04 27.93 -17.37
C8 CLR I . -12.62 28.48 -18.71
C9 CLR I . -11.75 27.50 -19.51
C10 CLR I . -12.45 26.16 -19.72
C11 CLR I . -11.32 28.08 -20.87
C12 CLR I . -10.81 29.53 -20.85
C13 CLR I . -11.62 30.39 -19.87
C14 CLR I . -11.85 29.77 -18.51
C15 CLR I . -12.60 30.83 -17.73
C16 CLR I . -12.36 32.17 -18.43
C17 CLR I . -11.81 31.91 -19.83
C18 CLR I . -10.23 30.84 -19.45
C19 CLR I . -13.51 26.29 -20.80
C20 CLR I . -12.74 32.53 -20.87
C21 CLR I . -12.12 32.67 -22.26
C22 CLR I . -13.20 33.90 -20.39
C23 CLR I . -12.18 34.98 -20.76
C24 CLR I . -12.10 36.07 -19.70
C25 CLR I . -10.82 36.01 -18.87
C26 CLR I . -9.66 35.41 -19.66
C27 CLR I . -10.46 37.38 -18.34
O1 CLR I . -12.01 22.15 -18.06
C1 CLR J . -5.05 25.24 12.23
C2 CLR J . -3.75 24.44 12.13
C3 CLR J . -3.69 23.62 10.85
C4 CLR J . -3.73 24.58 9.67
C5 CLR J . -4.97 25.43 9.78
C6 CLR J . -5.83 25.47 8.75
C7 CLR J . -6.90 26.52 8.55
C8 CLR J . -6.93 27.46 9.75
C9 CLR J . -6.62 26.74 11.05
C10 CLR J . -5.21 26.20 11.05
C11 CLR J . -6.83 27.67 12.26
C12 CLR J . -8.17 28.42 12.27
C13 CLR J . -8.40 29.11 10.94
C14 CLR J . -8.32 28.04 9.87
C15 CLR J . -8.89 28.68 8.63
C16 CLR J . -9.98 29.60 9.19
C17 CLR J . -9.80 29.66 10.70
C18 CLR J . -7.38 30.22 10.70
C19 CLR J . -4.22 27.35 11.16
C20 CLR J . -10.06 31.06 11.23
C21 CLR J . -10.96 31.01 12.46
C22 CLR J . -10.70 31.92 10.15
C23 CLR J . -11.52 33.05 10.77
C24 CLR J . -10.87 34.40 10.49
C25 CLR J . -11.95 35.47 10.33
C26 CLR J . -12.14 35.86 8.87
C27 CLR J . -13.26 35.01 10.96
O1 CLR J . -2.48 22.86 10.81
#